data_1QXX
# 
_entry.id   1QXX 
# 
_audit_conform.dict_name       mmcif_pdbx.dic 
_audit_conform.dict_version    5.376 
_audit_conform.dict_location   http://mmcif.pdb.org/dictionaries/ascii/mmcif_pdbx.dic 
# 
loop_
_database_2.database_id 
_database_2.database_code 
_database_2.pdbx_database_accession 
_database_2.pdbx_DOI 
PDB   1QXX         pdb_00001qxx 10.2210/pdb1qxx/pdb 
RCSB  RCSB020203   ?            ?                   
WWPDB D_1000020203 ?            ?                   
# 
_pdbx_database_related.db_name        PDB 
_pdbx_database_related.db_id          1IHR 
_pdbx_database_related.details        'Dimeric C-terminal domain of TonB' 
_pdbx_database_related.content_type   unspecified 
# 
_pdbx_database_status.status_code                     REL 
_pdbx_database_status.entry_id                        1QXX 
_pdbx_database_status.recvd_initial_deposition_date   2003-09-09 
_pdbx_database_status.deposit_site                    RCSB 
_pdbx_database_status.process_site                    RCSB 
_pdbx_database_status.status_code_sf                  REL 
_pdbx_database_status.SG_entry                        . 
_pdbx_database_status.pdb_format_compatible           Y 
_pdbx_database_status.status_code_mr                  ? 
_pdbx_database_status.status_code_cs                  ? 
_pdbx_database_status.status_code_nmr_data            ? 
_pdbx_database_status.methods_development_category    ? 
# 
loop_
_audit_author.name 
_audit_author.pdbx_ordinal 
'Koedding, J.' 1 
'Howard, P.'   2 
'Kaufmann, L.' 3 
'Polzer, P.'   4 
'Lustig, A.'   5 
'Welte, W.'    6 
# 
_citation.id                        primary 
_citation.title                     
'Dimerization of TonB is not essential for its binding to the outer membrane siderophore receptor FhuA of Escherichia coli.' 
_citation.journal_abbrev            J.Biol.Chem. 
_citation.journal_volume            279 
_citation.page_first                9978 
_citation.page_last                 9986 
_citation.year                      2004 
_citation.journal_id_ASTM           JBCHA3 
_citation.country                   US 
_citation.journal_id_ISSN           0021-9258 
_citation.journal_id_CSD            0071 
_citation.book_publisher            ? 
_citation.pdbx_database_id_PubMed   14665631 
_citation.pdbx_database_id_DOI      10.1074/jbc.M311720200 
# 
loop_
_citation_author.citation_id 
_citation_author.name 
_citation_author.ordinal 
_citation_author.identifier_ORCID 
primary 'Koedding, J.' 1 ? 
primary 'Howard, P.'   2 ? 
primary 'Kaufmann, L.' 3 ? 
primary 'Polzer, P.'   4 ? 
primary 'Lustig, A.'   5 ? 
primary 'Welte, W.'    6 ? 
# 
_cell.entry_id           1QXX 
_cell.length_a           61.580 
_cell.length_b           61.580 
_cell.length_c           121.950 
_cell.angle_alpha        90.00 
_cell.angle_beta         90.00 
_cell.angle_gamma        120.00 
_cell.Z_PDB              12 
_cell.pdbx_unique_axis   ? 
# 
_symmetry.entry_id                         1QXX 
_symmetry.space_group_name_H-M             'P 64 2 2' 
_symmetry.pdbx_full_space_group_name_H-M   ? 
_symmetry.cell_setting                     ? 
_symmetry.Int_Tables_number                181 
# 
loop_
_entity.id 
_entity.type 
_entity.src_method 
_entity.pdbx_description 
_entity.formula_weight 
_entity.pdbx_number_of_molecules 
_entity.pdbx_ec 
_entity.pdbx_mutation 
_entity.pdbx_fragment 
_entity.details 
1 polymer man 'TonB protein' 8563.893 1  ? ? 'residues 164-239' ? 
2 water   nat water          18.015   31 ? ? ?                  ? 
# 
_entity_poly.entity_id                      1 
_entity_poly.type                           'polypeptide(L)' 
_entity_poly.nstd_linkage                   no 
_entity_poly.nstd_monomer                   no 
_entity_poly.pdbx_seq_one_letter_code       PARAQALRIEGQVKVKFDVTPDGRVDNVQILSAKPANMFEREVKNAMRRWRYEPGKPGSGIVVNILFKINGTTEIQ 
_entity_poly.pdbx_seq_one_letter_code_can   PARAQALRIEGQVKVKFDVTPDGRVDNVQILSAKPANMFEREVKNAMRRWRYEPGKPGSGIVVNILFKINGTTEIQ 
_entity_poly.pdbx_strand_id                 A 
_entity_poly.pdbx_target_identifier         ? 
# 
loop_
_entity_poly_seq.entity_id 
_entity_poly_seq.num 
_entity_poly_seq.mon_id 
_entity_poly_seq.hetero 
1 1  PRO n 
1 2  ALA n 
1 3  ARG n 
1 4  ALA n 
1 5  GLN n 
1 6  ALA n 
1 7  LEU n 
1 8  ARG n 
1 9  ILE n 
1 10 GLU n 
1 11 GLY n 
1 12 GLN n 
1 13 VAL n 
1 14 LYS n 
1 15 VAL n 
1 16 LYS n 
1 17 PHE n 
1 18 ASP n 
1 19 VAL n 
1 20 THR n 
1 21 PRO n 
1 22 ASP n 
1 23 GLY n 
1 24 ARG n 
1 25 VAL n 
1 26 ASP n 
1 27 ASN n 
1 28 VAL n 
1 29 GLN n 
1 30 ILE n 
1 31 LEU n 
1 32 SER n 
1 33 ALA n 
1 34 LYS n 
1 35 PRO n 
1 36 ALA n 
1 37 ASN n 
1 38 MET n 
1 39 PHE n 
1 40 GLU n 
1 41 ARG n 
1 42 GLU n 
1 43 VAL n 
1 44 LYS n 
1 45 ASN n 
1 46 ALA n 
1 47 MET n 
1 48 ARG n 
1 49 ARG n 
1 50 TRP n 
1 51 ARG n 
1 52 TYR n 
1 53 GLU n 
1 54 PRO n 
1 55 GLY n 
1 56 LYS n 
1 57 PRO n 
1 58 GLY n 
1 59 SER n 
1 60 GLY n 
1 61 ILE n 
1 62 VAL n 
1 63 VAL n 
1 64 ASN n 
1 65 ILE n 
1 66 LEU n 
1 67 PHE n 
1 68 LYS n 
1 69 ILE n 
1 70 ASN n 
1 71 GLY n 
1 72 THR n 
1 73 THR n 
1 74 GLU n 
1 75 ILE n 
1 76 GLN n 
# 
_entity_src_gen.entity_id                          1 
_entity_src_gen.pdbx_src_id                        1 
_entity_src_gen.pdbx_alt_source_flag               sample 
_entity_src_gen.pdbx_seq_type                      ? 
_entity_src_gen.pdbx_beg_seq_num                   ? 
_entity_src_gen.pdbx_end_seq_num                   ? 
_entity_src_gen.gene_src_common_name               ? 
_entity_src_gen.gene_src_genus                     Escherichia 
_entity_src_gen.pdbx_gene_src_gene                 TONB 
_entity_src_gen.gene_src_species                   ? 
_entity_src_gen.gene_src_strain                    ? 
_entity_src_gen.gene_src_tissue                    ? 
_entity_src_gen.gene_src_tissue_fraction           ? 
_entity_src_gen.gene_src_details                   ? 
_entity_src_gen.pdbx_gene_src_fragment             ? 
_entity_src_gen.pdbx_gene_src_scientific_name      'Escherichia coli' 
_entity_src_gen.pdbx_gene_src_ncbi_taxonomy_id     562 
_entity_src_gen.pdbx_gene_src_variant              ? 
_entity_src_gen.pdbx_gene_src_cell_line            ? 
_entity_src_gen.pdbx_gene_src_atcc                 ? 
_entity_src_gen.pdbx_gene_src_organ                ? 
_entity_src_gen.pdbx_gene_src_organelle            ? 
_entity_src_gen.pdbx_gene_src_cell                 ? 
_entity_src_gen.pdbx_gene_src_cellular_location    ? 
_entity_src_gen.host_org_common_name               ? 
_entity_src_gen.pdbx_host_org_scientific_name      'Escherichia coli BL21(DE3)' 
_entity_src_gen.pdbx_host_org_ncbi_taxonomy_id     469008 
_entity_src_gen.host_org_genus                     Escherichia 
_entity_src_gen.pdbx_host_org_gene                 ? 
_entity_src_gen.pdbx_host_org_organ                ? 
_entity_src_gen.host_org_species                   'Escherichia coli' 
_entity_src_gen.pdbx_host_org_tissue               ? 
_entity_src_gen.pdbx_host_org_tissue_fraction      ? 
_entity_src_gen.pdbx_host_org_strain               'BL21(DE3)' 
_entity_src_gen.pdbx_host_org_variant              ? 
_entity_src_gen.pdbx_host_org_cell_line            ? 
_entity_src_gen.pdbx_host_org_atcc                 ? 
_entity_src_gen.pdbx_host_org_culture_collection   ? 
_entity_src_gen.pdbx_host_org_cell                 ? 
_entity_src_gen.pdbx_host_org_organelle            ? 
_entity_src_gen.pdbx_host_org_cellular_location    ? 
_entity_src_gen.pdbx_host_org_vector_type          PLASMID 
_entity_src_gen.pdbx_host_org_vector               ? 
_entity_src_gen.host_org_details                   ? 
_entity_src_gen.expression_system_id               ? 
_entity_src_gen.plasmid_name                       pET30a 
_entity_src_gen.plasmid_details                    ? 
_entity_src_gen.pdbx_description                   ? 
# 
_struct_ref.id                         1 
_struct_ref.db_name                    UNP 
_struct_ref.db_code                    TONB_ECOLI 
_struct_ref.pdbx_db_accession          P02929 
_struct_ref.entity_id                  1 
_struct_ref.pdbx_seq_one_letter_code   PARAQALRIEGQVKVKFDVTPDGRVDNVQILSAKPANMFEREVKNAMRRWRYEPGKPGSGIVVNILFKINGTTEIQ 
_struct_ref.pdbx_align_begin           164 
_struct_ref.pdbx_db_isoform            ? 
# 
_struct_ref_seq.align_id                      1 
_struct_ref_seq.ref_id                        1 
_struct_ref_seq.pdbx_PDB_id_code              1QXX 
_struct_ref_seq.pdbx_strand_id                A 
_struct_ref_seq.seq_align_beg                 1 
_struct_ref_seq.pdbx_seq_align_beg_ins_code   ? 
_struct_ref_seq.seq_align_end                 76 
_struct_ref_seq.pdbx_seq_align_end_ins_code   ? 
_struct_ref_seq.pdbx_db_accession             P02929 
_struct_ref_seq.db_align_beg                  164 
_struct_ref_seq.pdbx_db_align_beg_ins_code    ? 
_struct_ref_seq.db_align_end                  239 
_struct_ref_seq.pdbx_db_align_end_ins_code    ? 
_struct_ref_seq.pdbx_auth_seq_align_beg       164 
_struct_ref_seq.pdbx_auth_seq_align_end       239 
# 
loop_
_chem_comp.id 
_chem_comp.type 
_chem_comp.mon_nstd_flag 
_chem_comp.name 
_chem_comp.pdbx_synonyms 
_chem_comp.formula 
_chem_comp.formula_weight 
ALA 'L-peptide linking' y ALANINE         ? 'C3 H7 N O2'     89.093  
ARG 'L-peptide linking' y ARGININE        ? 'C6 H15 N4 O2 1' 175.209 
ASN 'L-peptide linking' y ASPARAGINE      ? 'C4 H8 N2 O3'    132.118 
ASP 'L-peptide linking' y 'ASPARTIC ACID' ? 'C4 H7 N O4'     133.103 
GLN 'L-peptide linking' y GLUTAMINE       ? 'C5 H10 N2 O3'   146.144 
GLU 'L-peptide linking' y 'GLUTAMIC ACID' ? 'C5 H9 N O4'     147.129 
GLY 'peptide linking'   y GLYCINE         ? 'C2 H5 N O2'     75.067  
HOH non-polymer         . WATER           ? 'H2 O'           18.015  
ILE 'L-peptide linking' y ISOLEUCINE      ? 'C6 H13 N O2'    131.173 
LEU 'L-peptide linking' y LEUCINE         ? 'C6 H13 N O2'    131.173 
LYS 'L-peptide linking' y LYSINE          ? 'C6 H15 N2 O2 1' 147.195 
MET 'L-peptide linking' y METHIONINE      ? 'C5 H11 N O2 S'  149.211 
PHE 'L-peptide linking' y PHENYLALANINE   ? 'C9 H11 N O2'    165.189 
PRO 'L-peptide linking' y PROLINE         ? 'C5 H9 N O2'     115.130 
SER 'L-peptide linking' y SERINE          ? 'C3 H7 N O3'     105.093 
THR 'L-peptide linking' y THREONINE       ? 'C4 H9 N O3'     119.119 
TRP 'L-peptide linking' y TRYPTOPHAN      ? 'C11 H12 N2 O2'  204.225 
TYR 'L-peptide linking' y TYROSINE        ? 'C9 H11 N O3'    181.189 
VAL 'L-peptide linking' y VALINE          ? 'C5 H11 N O2'    117.146 
# 
_exptl.entry_id          1QXX 
_exptl.method            'X-RAY DIFFRACTION' 
_exptl.crystals_number   1 
# 
_exptl_crystal.id                    1 
_exptl_crystal.density_meas          ? 
_exptl_crystal.density_Matthews      3.89 
_exptl_crystal.density_percent_sol   68.42 
_exptl_crystal.description           ? 
# 
_exptl_crystal_grow.crystal_id      1 
_exptl_crystal_grow.method          'VAPOR DIFFUSION, HANGING DROP' 
_exptl_crystal_grow.temp            301 
_exptl_crystal_grow.temp_details    ? 
_exptl_crystal_grow.pH              5.6 
_exptl_crystal_grow.pdbx_details    'Sodium formiate, sodium citrate, pH 5.6, VAPOR DIFFUSION, HANGING DROP, temperature 301K' 
_exptl_crystal_grow.pdbx_pH_range   . 
# 
_diffrn.id                     1 
_diffrn.ambient_temp           100 
_diffrn.ambient_temp_details   ? 
_diffrn.crystal_id             1 
# 
_diffrn_detector.diffrn_id              1 
_diffrn_detector.detector               CCD 
_diffrn_detector.type                   'ADSC QUANTUM 4' 
_diffrn_detector.pdbx_collection_date   2002-11-22 
_diffrn_detector.details                ? 
# 
_diffrn_radiation.diffrn_id                        1 
_diffrn_radiation.wavelength_id                    1 
_diffrn_radiation.pdbx_monochromatic_or_laue_m_l   M 
_diffrn_radiation.monochromator                    'Si 111 CHANNEL' 
_diffrn_radiation.pdbx_diffrn_protocol             'SINGLE WAVELENGTH' 
_diffrn_radiation.pdbx_scattering_type             x-ray 
# 
_diffrn_radiation_wavelength.id           1 
_diffrn_radiation_wavelength.wavelength   0.934000 
_diffrn_radiation_wavelength.wt           1.0 
# 
_diffrn_source.diffrn_id                   1 
_diffrn_source.source                      SYNCHROTRON 
_diffrn_source.type                        'ESRF BEAMLINE ID14-4' 
_diffrn_source.pdbx_synchrotron_site       ESRF 
_diffrn_source.pdbx_synchrotron_beamline   ID14-4 
_diffrn_source.pdbx_wavelength             ? 
_diffrn_source.pdbx_wavelength_list        0.934000 
# 
_reflns.entry_id                     1QXX 
_reflns.observed_criterion_sigma_F   0.0 
_reflns.observed_criterion_sigma_I   0.0 
_reflns.d_resolution_high            2.7 
_reflns.d_resolution_low             26.44 
_reflns.number_all                   5019 
_reflns.number_obs                   4052 
_reflns.percent_possible_obs         97.5 
_reflns.pdbx_Rmerge_I_obs            0.049 
_reflns.pdbx_Rsym_value              0.049 
_reflns.pdbx_netI_over_sigmaI        19.32 
_reflns.B_iso_Wilson_estimate        ? 
_reflns.pdbx_redundancy              9.68 
_reflns.R_free_details               ? 
_reflns.limit_h_max                  ? 
_reflns.limit_h_min                  ? 
_reflns.limit_k_max                  ? 
_reflns.limit_k_min                  ? 
_reflns.limit_l_max                  ? 
_reflns.limit_l_min                  ? 
_reflns.observed_criterion_F_max     ? 
_reflns.observed_criterion_F_min     ? 
_reflns.pdbx_ordinal                 1 
_reflns.pdbx_diffrn_id               1 
# 
_reflns_shell.d_res_high             2.7 
_reflns_shell.d_res_low              2.8 
_reflns_shell.percent_possible_all   97.6 
_reflns_shell.Rmerge_I_obs           0.463 
_reflns_shell.pdbx_Rsym_value        0.463 
_reflns_shell.meanI_over_sigI_obs    3.56 
_reflns_shell.pdbx_redundancy        10.1 
_reflns_shell.percent_possible_obs   ? 
_reflns_shell.number_unique_all      409 
_reflns_shell.pdbx_ordinal           1 
_reflns_shell.pdbx_diffrn_id         1 
# 
_refine.entry_id                                 1QXX 
_refine.ls_d_res_high                            2.7 
_refine.ls_d_res_low                             26.44 
_refine.pdbx_ls_sigma_F                          0.0 
_refine.pdbx_ls_sigma_I                          0.0 
_refine.ls_number_reflns_all                     5019 
_refine.ls_number_reflns_obs                     4052 
_refine.ls_number_reflns_R_free                  202 
_refine.ls_percent_reflns_obs                    97.5 
_refine.ls_R_factor_all                          ? 
_refine.ls_R_factor_obs                          ? 
_refine.ls_R_factor_R_work                       0.267 
_refine.ls_R_factor_R_free                       0.271 
_refine.ls_redundancy_reflns_obs                 ? 
_refine.pdbx_data_cutoff_high_absF               ? 
_refine.pdbx_data_cutoff_low_absF                ? 
_refine.ls_number_parameters                     ? 
_refine.ls_number_restraints                     ? 
_refine.ls_percent_reflns_R_free                 ? 
_refine.ls_R_factor_R_free_error                 ? 
_refine.ls_R_factor_R_free_error_details         ? 
_refine.pdbx_method_to_determine_struct          'MOLECULAR REPLACEMENT' 
_refine.pdbx_starting_model                      1IHR 
_refine.pdbx_ls_cross_valid_method               ? 
_refine.pdbx_R_Free_selection_details            RANDOM 
_refine.pdbx_stereochem_target_val_spec_case     ? 
_refine.pdbx_stereochemistry_target_values       'Engh & Huber' 
_refine.solvent_model_details                    ? 
_refine.solvent_model_param_bsol                 ? 
_refine.solvent_model_param_ksol                 ? 
_refine.occupancy_max                            ? 
_refine.occupancy_min                            ? 
_refine.pdbx_isotropic_thermal_model             ? 
_refine.B_iso_mean                               ? 
_refine.aniso_B[1][1]                            ? 
_refine.aniso_B[1][2]                            ? 
_refine.aniso_B[1][3]                            ? 
_refine.aniso_B[2][2]                            ? 
_refine.aniso_B[2][3]                            ? 
_refine.aniso_B[3][3]                            ? 
_refine.details                                  ? 
_refine.B_iso_min                                ? 
_refine.B_iso_max                                ? 
_refine.correlation_coeff_Fo_to_Fc               ? 
_refine.correlation_coeff_Fo_to_Fc_free          ? 
_refine.pdbx_solvent_vdw_probe_radii             ? 
_refine.pdbx_solvent_ion_probe_radii             ? 
_refine.pdbx_solvent_shrinkage_radii             ? 
_refine.overall_SU_R_Cruickshank_DPI             ? 
_refine.overall_SU_R_free                        ? 
_refine.overall_SU_B                             ? 
_refine.overall_SU_ML                            ? 
_refine.pdbx_overall_ESU_R                       ? 
_refine.pdbx_overall_ESU_R_Free                  ? 
_refine.pdbx_data_cutoff_high_rms_absF           ? 
_refine.pdbx_refine_id                           'X-RAY DIFFRACTION' 
_refine.pdbx_diffrn_id                           1 
_refine.pdbx_TLS_residual_ADP_flag               ? 
_refine.pdbx_overall_phase_error                 ? 
_refine.pdbx_overall_SU_R_free_Cruickshank_DPI   ? 
_refine.pdbx_overall_SU_R_Blow_DPI               ? 
_refine.pdbx_overall_SU_R_free_Blow_DPI          ? 
# 
_refine_hist.pdbx_refine_id                   'X-RAY DIFFRACTION' 
_refine_hist.cycle_id                         LAST 
_refine_hist.pdbx_number_atoms_protein        601 
_refine_hist.pdbx_number_atoms_nucleic_acid   0 
_refine_hist.pdbx_number_atoms_ligand         0 
_refine_hist.number_atoms_solvent             31 
_refine_hist.number_atoms_total               632 
_refine_hist.d_res_high                       2.7 
_refine_hist.d_res_low                        26.44 
# 
loop_
_refine_ls_restr.type 
_refine_ls_restr.dev_ideal 
_refine_ls_restr.dev_ideal_target 
_refine_ls_restr.weight 
_refine_ls_restr.number 
_refine_ls_restr.pdbx_refine_id 
_refine_ls_restr.pdbx_restraint_function 
'r.m.s. deviation bond length' 0.02 ? ? ? 'X-RAY DIFFRACTION' ? 
'r.s.m. deviation bond angel'  1.72 ? ? ? 'X-RAY DIFFRACTION' ? 
# 
_struct.entry_id                  1QXX 
_struct.title                     'CRYSTAL STRUCTURE OF THE C-TERMINAL DOMAIN OF TONB' 
_struct.pdbx_model_details        ? 
_struct.pdbx_CASP_flag            ? 
_struct.pdbx_model_type_details   ? 
# 
_struct_keywords.entry_id        1QXX 
_struct_keywords.pdbx_keywords   'TRANSPORT PROTEIN' 
_struct_keywords.text            'TonB Dimerization, TRANSPORT PROTEIN' 
# 
loop_
_struct_asym.id 
_struct_asym.pdbx_blank_PDB_chainid_flag 
_struct_asym.pdbx_modified 
_struct_asym.entity_id 
_struct_asym.details 
A N N 1 ? 
B N N 2 ? 
# 
_struct_biol.id                    1 
_struct_biol.details               'The second part of the dimer is generated by symmetry operations in P6422' 
_struct_biol.pdbx_parent_biol_id   ? 
# 
_struct_conf.conf_type_id            HELX_P 
_struct_conf.id                      HELX_P1 
_struct_conf.pdbx_PDB_helix_id       1 
_struct_conf.beg_label_comp_id       MET 
_struct_conf.beg_label_asym_id       A 
_struct_conf.beg_label_seq_id        38 
_struct_conf.pdbx_beg_PDB_ins_code   ? 
_struct_conf.end_label_comp_id       MET 
_struct_conf.end_label_asym_id       A 
_struct_conf.end_label_seq_id        47 
_struct_conf.pdbx_end_PDB_ins_code   ? 
_struct_conf.beg_auth_comp_id        MET 
_struct_conf.beg_auth_asym_id        A 
_struct_conf.beg_auth_seq_id         201 
_struct_conf.end_auth_comp_id        MET 
_struct_conf.end_auth_asym_id        A 
_struct_conf.end_auth_seq_id         210 
_struct_conf.pdbx_PDB_helix_class    1 
_struct_conf.details                 ? 
_struct_conf.pdbx_PDB_helix_length   10 
# 
_struct_conf_type.id          HELX_P 
_struct_conf_type.criteria    ? 
_struct_conf_type.reference   ? 
# 
_struct_sheet.id               A 
_struct_sheet.type             ? 
_struct_sheet.number_strands   2 
_struct_sheet.details          ? 
# 
_struct_sheet_order.sheet_id     A 
_struct_sheet_order.range_id_1   1 
_struct_sheet_order.range_id_2   2 
_struct_sheet_order.offset       ? 
_struct_sheet_order.sense        anti-parallel 
# 
loop_
_struct_sheet_range.sheet_id 
_struct_sheet_range.id 
_struct_sheet_range.beg_label_comp_id 
_struct_sheet_range.beg_label_asym_id 
_struct_sheet_range.beg_label_seq_id 
_struct_sheet_range.pdbx_beg_PDB_ins_code 
_struct_sheet_range.end_label_comp_id 
_struct_sheet_range.end_label_asym_id 
_struct_sheet_range.end_label_seq_id 
_struct_sheet_range.pdbx_end_PDB_ins_code 
_struct_sheet_range.beg_auth_comp_id 
_struct_sheet_range.beg_auth_asym_id 
_struct_sheet_range.beg_auth_seq_id 
_struct_sheet_range.end_auth_comp_id 
_struct_sheet_range.end_auth_asym_id 
_struct_sheet_range.end_auth_seq_id 
A 1 LYS A 14 ? VAL A 19 ? LYS A 177 VAL A 182 
A 2 VAL A 25 ? LEU A 31 ? VAL A 188 LEU A 194 
# 
_pdbx_struct_sheet_hbond.sheet_id                A 
_pdbx_struct_sheet_hbond.range_id_1              1 
_pdbx_struct_sheet_hbond.range_id_2              2 
_pdbx_struct_sheet_hbond.range_1_label_atom_id   N 
_pdbx_struct_sheet_hbond.range_1_label_comp_id   LYS 
_pdbx_struct_sheet_hbond.range_1_label_asym_id   A 
_pdbx_struct_sheet_hbond.range_1_label_seq_id    14 
_pdbx_struct_sheet_hbond.range_1_PDB_ins_code    ? 
_pdbx_struct_sheet_hbond.range_1_auth_atom_id    N 
_pdbx_struct_sheet_hbond.range_1_auth_comp_id    LYS 
_pdbx_struct_sheet_hbond.range_1_auth_asym_id    A 
_pdbx_struct_sheet_hbond.range_1_auth_seq_id     177 
_pdbx_struct_sheet_hbond.range_2_label_atom_id   O 
_pdbx_struct_sheet_hbond.range_2_label_comp_id   LEU 
_pdbx_struct_sheet_hbond.range_2_label_asym_id   A 
_pdbx_struct_sheet_hbond.range_2_label_seq_id    31 
_pdbx_struct_sheet_hbond.range_2_PDB_ins_code    ? 
_pdbx_struct_sheet_hbond.range_2_auth_atom_id    O 
_pdbx_struct_sheet_hbond.range_2_auth_comp_id    LEU 
_pdbx_struct_sheet_hbond.range_2_auth_asym_id    A 
_pdbx_struct_sheet_hbond.range_2_auth_seq_id     194 
# 
_atom_sites.entry_id                    1QXX 
_atom_sites.fract_transf_matrix[1][1]   -0.01690622 
_atom_sites.fract_transf_matrix[1][2]   -0.00038309 
_atom_sites.fract_transf_matrix[1][3]   0.00810231 
_atom_sites.fract_transf_matrix[2][1]   -0.00594067 
_atom_sites.fract_transf_matrix[2][2]   0.01470854 
_atom_sites.fract_transf_matrix[2][3]   0.00999836 
_atom_sites.fract_transf_matrix[3][1]   -0.00331244 
_atom_sites.fract_transf_matrix[3][2]   0.00325583 
_atom_sites.fract_transf_matrix[3][3]   -0.00675776 
_atom_sites.fract_transf_vector[1]      0.458986 
_atom_sites.fract_transf_vector[2]      0.959023 
_atom_sites.fract_transf_vector[3]      0.243549 
# 
loop_
_atom_type.symbol 
C 
N 
O 
S 
# 
loop_
_atom_site.group_PDB 
_atom_site.id 
_atom_site.type_symbol 
_atom_site.label_atom_id 
_atom_site.label_alt_id 
_atom_site.label_comp_id 
_atom_site.label_asym_id 
_atom_site.label_entity_id 
_atom_site.label_seq_id 
_atom_site.pdbx_PDB_ins_code 
_atom_site.Cartn_x 
_atom_site.Cartn_y 
_atom_site.Cartn_z 
_atom_site.occupancy 
_atom_site.B_iso_or_equiv 
_atom_site.pdbx_formal_charge 
_atom_site.auth_seq_id 
_atom_site.auth_comp_id 
_atom_site.auth_asym_id 
_atom_site.auth_atom_id 
_atom_site.pdbx_PDB_model_num 
ATOM   1   N N   . PRO A 1 1  ? 2.043   -28.176 7.096   1.00 95.05  ? 164 PRO A N   1 
ATOM   2   C CA  . PRO A 1 1  ? 1.852   -26.709 7.082   1.00 94.69  ? 164 PRO A CA  1 
ATOM   3   C C   . PRO A 1 1  ? 1.670   -26.215 5.687   1.00 94.12  ? 164 PRO A C   1 
ATOM   4   O O   . PRO A 1 1  ? 1.809   -27.042 4.798   1.00 94.19  ? 164 PRO A O   1 
ATOM   5   C CB  . PRO A 1 1  ? 3.165   -26.213 7.668   1.00 94.93  ? 164 PRO A CB  1 
ATOM   6   C CG  . PRO A 1 1  ? 3.514   -27.320 8.712   1.00 95.52  ? 164 PRO A CG  1 
ATOM   7   C CD  . PRO A 1 1  ? 2.718   -28.594 8.339   1.00 95.44  ? 164 PRO A CD  1 
ATOM   8   N N   . ALA A 1 2  ? 1.390   -24.926 5.498   1.00 93.57  ? 165 ALA A N   1 
ATOM   9   C CA  . ALA A 1 2  ? 1.179   -24.366 4.167   1.00 93.38  ? 165 ALA A CA  1 
ATOM   10  C C   . ALA A 1 2  ? 1.851   -23.039 4.001   1.00 93.22  ? 165 ALA A C   1 
ATOM   11  O O   . ALA A 1 2  ? 1.812   -22.222 4.920   1.00 93.10  ? 165 ALA A O   1 
ATOM   12  C CB  . ALA A 1 2  ? -0.281  -24.191 3.906   1.00 93.62  ? 165 ALA A CB  1 
ATOM   13  N N   . ARG A 1 3  ? 2.393   -22.820 2.798   1.00 93.21  ? 166 ARG A N   1 
ATOM   14  C CA  . ARG A 1 3  ? 3.267   -21.675 2.494   1.00 92.96  ? 166 ARG A CA  1 
ATOM   15  C C   . ARG A 1 3  ? 2.448   -20.520 2.029   1.00 93.00  ? 166 ARG A C   1 
ATOM   16  O O   . ARG A 1 3  ? 1.686   -20.677 1.099   1.00 92.98  ? 166 ARG A O   1 
ATOM   17  C CB  . ARG A 1 3  ? 4.257   -21.988 1.358   1.00 92.84  ? 166 ARG A CB  1 
ATOM   18  C CG  . ARG A 1 3  ? 5.072   -23.272 1.476   1.00 91.90  ? 166 ARG A CG  1 
ATOM   19  C CD  . ARG A 1 3  ? 5.758   -23.672 0.164   1.00 91.52  ? 166 ARG A CD  1 
ATOM   20  N NE  . ARG A 1 3  ? 7.013   -24.391 0.410   1.00 92.18  ? 166 ARG A NE  1 
ATOM   21  C CZ  . ARG A 1 3  ? 7.679   -25.139 -0.480  1.00 90.61  ? 166 ARG A CZ  1 
ATOM   22  N NH1 . ARG A 1 3  ? 7.278   -25.308 -1.725  1.00 91.02  ? 166 ARG A NH1 1 
ATOM   23  N NH2 . ARG A 1 3  ? 8.785   -25.732 -0.108  1.00 91.46  ? 166 ARG A NH2 1 
ATOM   24  N N   . ALA A 1 4  ? 2.631   -19.363 2.669   1.00 93.62  ? 167 ALA A N   1 
ATOM   25  C CA  . ALA A 1 4  ? 2.007   -18.069 2.278   1.00 93.57  ? 167 ALA A CA  1 
ATOM   26  C C   . ALA A 1 4  ? 2.944   -17.234 1.390   1.00 93.86  ? 167 ALA A C   1 
ATOM   27  O O   . ALA A 1 4  ? 4.108   -17.620 1.155   1.00 94.96  ? 167 ALA A O   1 
ATOM   28  C CB  . ALA A 1 4  ? 1.651   -17.254 3.511   1.00 93.29  ? 167 ALA A CB  1 
ATOM   29  N N   . GLN A 1 5  ? 2.435   -16.104 0.892   1.00 93.32  ? 168 GLN A N   1 
ATOM   30  C CA  . GLN A 1 5  ? 3.240   -15.137 0.164   1.00 92.75  ? 168 GLN A CA  1 
ATOM   31  C C   . GLN A 1 5  ? 3.111   -13.840 0.928   1.00 92.91  ? 168 GLN A C   1 
ATOM   32  O O   . GLN A 1 5  ? 2.063   -13.597 1.496   1.00 92.60  ? 168 GLN A O   1 
ATOM   33  C CB  . GLN A 1 5  ? 2.755   -15.013 -1.276  1.00 92.52  ? 168 GLN A CB  1 
ATOM   34  C CG  . GLN A 1 5  ? 2.823   -16.342 -2.098  1.00 92.20  ? 168 GLN A CG  1 
ATOM   35  C CD  . GLN A 1 5  ? 4.153   -16.543 -2.836  1.00 90.28  ? 168 GLN A CD  1 
ATOM   36  O OE1 . GLN A 1 5  ? 5.199   -16.191 -2.305  1.00 91.78  ? 168 GLN A OE1 1 
ATOM   37  N NE2 . GLN A 1 5  ? 4.110   -17.095 -4.048  1.00 85.95  ? 168 GLN A NE2 1 
ATOM   38  N N   . ALA A 1 6  ? 4.167   -13.025 0.990   1.00 93.38  ? 169 ALA A N   1 
ATOM   39  C CA  . ALA A 1 6  ? 4.122   -11.830 1.847   1.00 93.91  ? 169 ALA A CA  1 
ATOM   40  C C   . ALA A 1 6  ? 4.447   -10.500 1.179   1.00 94.49  ? 169 ALA A C   1 
ATOM   41  O O   . ALA A 1 6  ? 4.991   -10.415 0.098   1.00 94.29  ? 169 ALA A O   1 
ATOM   42  C CB  . ALA A 1 6  ? 5.005   -12.013 3.064   1.00 94.05  ? 169 ALA A CB  1 
ATOM   43  N N   . LEU A 1 7  ? 4.099   -9.445  1.885   1.00 95.51  ? 170 LEU A N   1 
ATOM   44  C CA  . LEU A 1 7  ? 4.250   -8.096  1.384   1.00 96.08  ? 170 LEU A CA  1 
ATOM   45  C C   . LEU A 1 7  ? 4.804   -7.221  2.483   1.00 96.16  ? 170 LEU A C   1 
ATOM   46  O O   . LEU A 1 7  ? 4.424   -7.368  3.635   1.00 96.19  ? 170 LEU A O   1 
ATOM   47  C CB  . LEU A 1 7  ? 2.873   -7.596  1.008   1.00 96.44  ? 170 LEU A CB  1 
ATOM   48  C CG  . LEU A 1 7  ? 2.749   -7.031  -0.390  1.00 97.58  ? 170 LEU A CG  1 
ATOM   49  C CD1 . LEU A 1 7  ? 1.401   -7.375  -0.996  1.00 97.17  ? 170 LEU A CD1 1 
ATOM   50  C CD2 . LEU A 1 7  ? 2.961   -5.523  -0.275  1.00 99.21  ? 170 LEU A CD2 1 
ATOM   51  N N   . ARG A 1 8  ? 5.731   -6.341  2.152   1.00 96.42  ? 171 ARG A N   1 
ATOM   52  C CA  . ARG A 1 8  ? 6.190   -5.356  3.117   1.00 96.88  ? 171 ARG A CA  1 
ATOM   53  C C   . ARG A 1 8  ? 6.553   -4.161  2.295   1.00 96.29  ? 171 ARG A C   1 
ATOM   54  O O   . ARG A 1 8  ? 7.504   -4.218  1.526   1.00 96.66  ? 171 ARG A O   1 
ATOM   55  C CB  . ARG A 1 8  ? 7.378   -5.859  3.955   1.00 97.48  ? 171 ARG A CB  1 
ATOM   56  C CG  . ARG A 1 8  ? 7.439   -7.403  4.154   1.00 101.02 ? 171 ARG A CG  1 
ATOM   57  C CD  . ARG A 1 8  ? 8.818   -7.994  4.625   1.00 105.27 ? 171 ARG A CD  1 
ATOM   58  N NE  . ARG A 1 8  ? 8.817   -9.469  4.767   1.00 108.76 ? 171 ARG A NE  1 
ATOM   59  C CZ  . ARG A 1 8  ? 8.757   -10.346 3.745   1.00 111.61 ? 171 ARG A CZ  1 
ATOM   60  N NH1 . ARG A 1 8  ? 8.713   -9.923  2.477   1.00 112.76 ? 171 ARG A NH1 1 
ATOM   61  N NH2 . ARG A 1 8  ? 8.764   -11.663 3.980   1.00 112.18 ? 171 ARG A NH2 1 
ATOM   62  N N   . ILE A 1 9  ? 5.738   -3.111  2.381   1.00 95.77  ? 172 ILE A N   1 
ATOM   63  C CA  . ILE A 1 9  ? 6.015   -1.837  1.708   1.00 95.21  ? 172 ILE A CA  1 
ATOM   64  C C   . ILE A 1 9  ? 6.335   -0.807  2.760   1.00 94.82  ? 172 ILE A C   1 
ATOM   65  O O   . ILE A 1 9  ? 5.808   -0.893  3.860   1.00 94.95  ? 172 ILE A O   1 
ATOM   66  C CB  . ILE A 1 9  ? 4.800   -1.353  0.938   1.00 95.12  ? 172 ILE A CB  1 
ATOM   67  C CG1 . ILE A 1 9  ? 4.360   -2.397  -0.076  1.00 94.86  ? 172 ILE A CG1 1 
ATOM   68  C CG2 . ILE A 1 9  ? 5.080   0.011   0.271   1.00 95.25  ? 172 ILE A CG2 1 
ATOM   69  C CD1 . ILE A 1 9  ? 2.975   -2.164  -0.589  1.00 95.25  ? 172 ILE A CD1 1 
ATOM   70  N N   . GLU A 1 10 ? 7.227   0.128   2.438   1.00 94.10  ? 173 GLU A N   1 
ATOM   71  C CA  . GLU A 1 10 ? 7.443   1.295   3.259   1.00 93.70  ? 173 GLU A CA  1 
ATOM   72  C C   . GLU A 1 10 ? 7.213   2.442   2.347   1.00 93.02  ? 173 GLU A C   1 
ATOM   73  O O   . GLU A 1 10 ? 7.511   2.370   1.163   1.00 92.89  ? 173 GLU A O   1 
ATOM   74  C CB  . GLU A 1 10 ? 8.844   1.340   3.813   1.00 94.31  ? 173 GLU A CB  1 
ATOM   75  C CG  . GLU A 1 10 ? 9.052   0.500   5.077   1.00 96.65  ? 173 GLU A CG  1 
ATOM   76  C CD  . GLU A 1 10 ? 10.510  0.509   5.567   1.00 99.71  ? 173 GLU A CD  1 
ATOM   77  O OE1 . GLU A 1 10 ? 11.449  0.374   4.720   1.00 101.60 ? 173 GLU A OE1 1 
ATOM   78  O OE2 . GLU A 1 10 ? 10.720  0.648   6.799   1.00 99.95  ? 173 GLU A OE2 1 
ATOM   79  N N   . GLY A 1 11 ? 6.671   3.509   2.891   1.00 92.29  ? 174 GLY A N   1 
ATOM   80  C CA  . GLY A 1 11 ? 6.156   4.555   2.056   1.00 91.91  ? 174 GLY A CA  1 
ATOM   81  C C   . GLY A 1 11 ? 5.980   5.850   2.792   1.00 91.64  ? 174 GLY A C   1 
ATOM   82  O O   . GLY A 1 11 ? 6.320   5.997   3.951   1.00 91.90  ? 174 GLY A O   1 
ATOM   83  N N   . GLN A 1 12 ? 5.448   6.810   2.067   1.00 91.34  ? 175 GLN A N   1 
ATOM   84  C CA  . GLN A 1 12 ? 5.254   8.168   2.553   1.00 91.03  ? 175 GLN A CA  1 
ATOM   85  C C   . GLN A 1 12 ? 3.968   8.707   1.937   1.00 90.10  ? 175 GLN A C   1 
ATOM   86  O O   . GLN A 1 12 ? 3.411   8.084   1.023   1.00 90.47  ? 175 GLN A O   1 
ATOM   87  C CB  . GLN A 1 12 ? 6.390   9.039   2.076   1.00 91.14  ? 175 GLN A CB  1 
ATOM   88  C CG  . GLN A 1 12 ? 7.396   9.350   3.094   1.00 93.01  ? 175 GLN A CG  1 
ATOM   89  C CD  . GLN A 1 12 ? 8.104   10.639  2.745   1.00 97.46  ? 175 GLN A CD  1 
ATOM   90  O OE1 . GLN A 1 12 ? 8.986   11.115  3.500   1.00 100.13 ? 175 GLN A OE1 1 
ATOM   91  N NE2 . GLN A 1 12 ? 7.719   11.233  1.593   1.00 98.01  ? 175 GLN A NE2 1 
ATOM   92  N N   . VAL A 1 13 ? 3.496   9.859   2.405   1.00 88.15  ? 176 VAL A N   1 
ATOM   93  C CA  . VAL A 1 13 ? 2.310   10.451  1.810   1.00 86.31  ? 176 VAL A CA  1 
ATOM   94  C C   . VAL A 1 13 ? 2.082   11.765  2.432   1.00 84.97  ? 176 VAL A C   1 
ATOM   95  O O   . VAL A 1 13 ? 2.299   11.941  3.612   1.00 84.21  ? 176 VAL A O   1 
ATOM   96  C CB  . VAL A 1 13 ? 1.034   9.589   1.962   1.00 85.95  ? 176 VAL A CB  1 
ATOM   97  C CG1 . VAL A 1 13 ? 0.677   9.402   3.402   1.00 85.95  ? 176 VAL A CG1 1 
ATOM   98  C CG2 . VAL A 1 13 ? -0.097  10.206  1.176   1.00 85.75  ? 176 VAL A CG2 1 
ATOM   99  N N   . LYS A 1 14 ? 1.667   12.698  1.605   1.00 83.92  ? 177 LYS A N   1 
ATOM   100 C CA  . LYS A 1 14 ? 1.498   14.041  2.053   1.00 83.44  ? 177 LYS A CA  1 
ATOM   101 C C   . LYS A 1 14 ? 0.011   14.372  1.971   1.00 82.00  ? 177 LYS A C   1 
ATOM   102 O O   . LYS A 1 14 ? -0.647  14.029  0.981   1.00 81.75  ? 177 LYS A O   1 
ATOM   103 C CB  . LYS A 1 14 ? 2.372   14.983  1.223   1.00 83.71  ? 177 LYS A CB  1 
ATOM   104 C CG  . LYS A 1 14 ? 3.036   16.079  2.103   1.00 86.43  ? 177 LYS A CG  1 
ATOM   105 C CD  . LYS A 1 14 ? 4.006   17.028  1.333   1.00 88.91  ? 177 LYS A CD  1 
ATOM   106 C CE  . LYS A 1 14 ? 5.444   16.456  1.191   1.00 89.51  ? 177 LYS A CE  1 
ATOM   107 N NZ  . LYS A 1 14 ? 6.007   16.699  -0.197  1.00 89.43  ? 177 LYS A NZ  1 
ATOM   108 N N   . VAL A 1 15 ? -0.509  15.005  3.023   1.00 80.15  ? 178 VAL A N   1 
ATOM   109 C CA  . VAL A 1 15 ? -1.923  15.381  3.101   1.00 78.76  ? 178 VAL A CA  1 
ATOM   110 C C   . VAL A 1 15 ? -2.029  16.832  3.572   1.00 78.15  ? 178 VAL A C   1 
ATOM   111 O O   . VAL A 1 15 ? -1.325  17.222  4.498   1.00 77.84  ? 178 VAL A O   1 
ATOM   112 C CB  . VAL A 1 15 ? -2.738  14.427  4.037   1.00 78.04  ? 178 VAL A CB  1 
ATOM   113 C CG1 . VAL A 1 15 ? -2.786  13.029  3.451   0.42 77.57  ? 178 VAL A CG1 1 
ATOM   114 C CG2 . VAL A 1 15 ? -2.142  14.374  5.426   0.42 77.51  ? 178 VAL A CG2 1 
ATOM   115 N N   . LYS A 1 16 ? -2.873  17.619  2.898   1.00 77.52  ? 179 LYS A N   1 
ATOM   116 C CA  . LYS A 1 16 ? -3.297  18.953  3.339   1.00 77.24  ? 179 LYS A CA  1 
ATOM   117 C C   . LYS A 1 16 ? -4.742  18.918  3.908   1.00 77.86  ? 179 LYS A C   1 
ATOM   118 O O   . LYS A 1 16 ? -5.616  18.289  3.347   1.00 77.28  ? 179 LYS A O   1 
ATOM   119 C CB  . LYS A 1 16 ? -3.228  19.931  2.153   1.00 76.82  ? 179 LYS A CB  1 
ATOM   120 C CG  . LYS A 1 16 ? -2.651  21.294  2.449   1.00 75.31  ? 179 LYS A CG  1 
ATOM   121 C CD  . LYS A 1 16 ? -3.009  22.312  1.354   1.00 74.22  ? 179 LYS A CD  1 
ATOM   122 C CE  . LYS A 1 16 ? -2.117  23.575  1.441   1.00 74.75  ? 179 LYS A CE  1 
ATOM   123 N NZ  . LYS A 1 16 ? -1.918  24.297  0.135   1.00 74.06  ? 179 LYS A NZ  1 
ATOM   124 N N   . PHE A 1 17 ? -4.985  19.615  5.013   1.00 79.09  ? 180 PHE A N   1 
ATOM   125 C CA  . PHE A 1 17 ? -6.336  19.776  5.544   1.00 79.80  ? 180 PHE A CA  1 
ATOM   126 C C   . PHE A 1 17 ? -6.518  21.045  6.382   1.00 81.47  ? 180 PHE A C   1 
ATOM   127 O O   . PHE A 1 17 ? -5.577  21.755  6.723   1.00 80.62  ? 180 PHE A O   1 
ATOM   128 C CB  . PHE A 1 17 ? -6.671  18.577  6.405   1.00 79.17  ? 180 PHE A CB  1 
ATOM   129 C CG  . PHE A 1 17 ? -5.648  18.307  7.451   1.00 78.54  ? 180 PHE A CG  1 
ATOM   130 C CD1 . PHE A 1 17 ? -5.824  18.759  8.758   1.00 77.83  ? 180 PHE A CD1 1 
ATOM   131 C CD2 . PHE A 1 17 ? -4.471  17.630  7.128   1.00 76.86  ? 180 PHE A CD2 1 
ATOM   132 C CE1 . PHE A 1 17 ? -4.848  18.526  9.723   1.00 74.75  ? 180 PHE A CE1 1 
ATOM   133 C CE2 . PHE A 1 17 ? -3.494  17.381  8.086   1.00 74.52  ? 180 PHE A CE2 1 
ATOM   134 C CZ  . PHE A 1 17 ? -3.678  17.831  9.378   1.00 75.79  ? 180 PHE A CZ  1 
ATOM   135 N N   . ASP A 1 18 ? -7.785  21.300  6.690   1.00 84.00  ? 181 ASP A N   1 
ATOM   136 C CA  . ASP A 1 18 ? -8.216  22.340  7.635   1.00 85.26  ? 181 ASP A CA  1 
ATOM   137 C C   . ASP A 1 18 ? -8.428  21.726  9.025   1.00 86.10  ? 181 ASP A C   1 
ATOM   138 O O   . ASP A 1 18 ? -8.712  20.548  9.137   1.00 85.72  ? 181 ASP A O   1 
ATOM   139 C CB  . ASP A 1 18 ? -9.535  22.977  7.161   1.00 85.23  ? 181 ASP A CB  1 
ATOM   140 C CG  . ASP A 1 18 ? -9.413  23.692  5.808   1.00 85.92  ? 181 ASP A CG  1 
ATOM   141 O OD1 . ASP A 1 18 ? -8.309  23.756  5.206   1.00 89.12  ? 181 ASP A OD1 1 
ATOM   142 O OD2 . ASP A 1 18 ? -10.392 24.234  5.271   1.00 85.18  ? 181 ASP A OD2 1 
ATOM   143 N N   . VAL A 1 19 ? -8.242  22.533  10.070  1.00 87.65  ? 182 VAL A N   1 
ATOM   144 C CA  . VAL A 1 19 ? -8.631  22.190  11.439  1.00 88.79  ? 182 VAL A CA  1 
ATOM   145 C C   . VAL A 1 19 ? -9.658  23.186  11.903  1.00 90.21  ? 182 VAL A C   1 
ATOM   146 O O   . VAL A 1 19 ? -9.397  24.387  11.899  1.00 90.93  ? 182 VAL A O   1 
ATOM   147 C CB  . VAL A 1 19 ? -7.483  22.293  12.440  1.00 88.42  ? 182 VAL A CB  1 
ATOM   148 C CG1 . VAL A 1 19 ? -7.959  21.867  13.798  1.00 89.06  ? 182 VAL A CG1 1 
ATOM   149 C CG2 . VAL A 1 19 ? -6.343  21.422  12.041  1.00 88.26  ? 182 VAL A CG2 1 
ATOM   150 N N   . THR A 1 20 ? -10.805 22.684  12.338  1.00 91.75  ? 183 THR A N   1 
ATOM   151 C CA  . THR A 1 20 ? -11.916 23.532  12.769  1.00 92.82  ? 183 THR A CA  1 
ATOM   152 C C   . THR A 1 20 ? -11.691 24.000  14.219  1.00 94.44  ? 183 THR A C   1 
ATOM   153 O O   . THR A 1 20 ? -10.709 23.567  14.884  1.00 94.25  ? 183 THR A O   1 
ATOM   154 C CB  . THR A 1 20 ? -13.279 22.771  12.645  1.00 92.73  ? 183 THR A CB  1 
ATOM   155 O OG1 . THR A 1 20 ? -13.300 21.645  13.525  1.00 91.28  ? 183 THR A OG1 1 
ATOM   156 C CG2 . THR A 1 20 ? -13.476 22.171  11.251  1.00 92.97  ? 183 THR A CG2 1 
ATOM   157 N N   . PRO A 1 21 ? -12.591 24.866  14.726  1.00 95.87  ? 184 PRO A N   1 
ATOM   158 C CA  . PRO A 1 21 ? -12.444 25.379  16.087  1.00 96.38  ? 184 PRO A CA  1 
ATOM   159 C C   . PRO A 1 21 ? -12.904 24.347  17.075  1.00 97.06  ? 184 PRO A C   1 
ATOM   160 O O   . PRO A 1 21 ? -12.375 24.351  18.178  1.00 97.72  ? 184 PRO A O   1 
ATOM   161 C CB  . PRO A 1 21 ? -13.347 26.606  16.120  1.00 96.50  ? 184 PRO A CB  1 
ATOM   162 C CG  . PRO A 1 21 ? -13.987 26.707  14.771  1.00 96.14  ? 184 PRO A CG  1 
ATOM   163 C CD  . PRO A 1 21 ? -13.810 25.404  14.093  1.00 95.85  ? 184 PRO A CD  1 
ATOM   164 N N   . ASP A 1 22 ? -13.850 23.485  16.701  1.00 97.84  ? 185 ASP A N   1 
ATOM   165 C CA  . ASP A 1 22 ? -14.234 22.349  17.562  1.00 98.75  ? 185 ASP A CA  1 
ATOM   166 C C   . ASP A 1 22 ? -12.991 21.472  17.838  1.00 98.25  ? 185 ASP A C   1 
ATOM   167 O O   . ASP A 1 22 ? -12.903 20.873  18.893  1.00 98.37  ? 185 ASP A O   1 
ATOM   168 C CB  . ASP A 1 22 ? -15.495 21.527  17.062  1.00 99.50  ? 185 ASP A CB  1 
ATOM   169 C CG  . ASP A 1 22 ? -15.706 21.538  15.457  1.00 104.06 ? 185 ASP A CG  1 
ATOM   170 O OD1 . ASP A 1 22 ? -15.644 20.435  14.813  1.00 107.52 ? 185 ASP A OD1 1 
ATOM   171 O OD2 . ASP A 1 22 ? -15.957 22.579  14.752  1.00 107.63 ? 185 ASP A OD2 1 
ATOM   172 N N   . GLY A 1 23 ? -12.012 21.449  16.915  1.00 98.17  ? 186 GLY A N   1 
ATOM   173 C CA  . GLY A 1 23 ? -10.770 20.665  17.047  1.00 97.34  ? 186 GLY A CA  1 
ATOM   174 C C   . GLY A 1 23 ? -10.740 19.397  16.187  1.00 96.69  ? 186 GLY A C   1 
ATOM   175 O O   . GLY A 1 23 ? -10.055 18.420  16.510  1.00 96.14  ? 186 GLY A O   1 
ATOM   176 N N   . ARG A 1 24 ? -11.484 19.422  15.081  1.00 96.09  ? 187 ARG A N   1 
ATOM   177 C CA  . ARG A 1 24 ? -11.663 18.257  14.221  1.00 96.10  ? 187 ARG A CA  1 
ATOM   178 C C   . ARG A 1 24 ? -11.163 18.592  12.819  1.00 94.60  ? 187 ARG A C   1 
ATOM   179 O O   . ARG A 1 24 ? -11.268 19.737  12.381  1.00 94.26  ? 187 ARG A O   1 
ATOM   180 C CB  . ARG A 1 24 ? -13.145 17.785  14.230  1.00 96.44  ? 187 ARG A CB  1 
ATOM   181 C CG  . ARG A 1 24 ? -13.328 16.364  14.905  1.00 100.45 ? 187 ARG A CG  1 
ATOM   182 C CD  . ARG A 1 24 ? -14.705 16.061  15.657  1.00 103.90 ? 187 ARG A CD  1 
ATOM   183 N NE  . ARG A 1 24 ? -14.589 15.695  17.101  1.00 106.38 ? 187 ARG A NE  1 
ATOM   184 C CZ  . ARG A 1 24 ? -15.418 14.851  17.780  1.00 109.14 ? 187 ARG A CZ  1 
ATOM   185 N NH1 . ARG A 1 24 ? -16.435 14.236  17.157  1.00 110.72 ? 187 ARG A NH1 1 
ATOM   186 N NH2 . ARG A 1 24 ? -15.225 14.599  19.093  1.00 108.32 ? 187 ARG A NH2 1 
ATOM   187 N N   . VAL A 1 25 ? -10.613 17.594  12.120  1.00 93.09  ? 188 VAL A N   1 
ATOM   188 C CA  . VAL A 1 25 ? -10.074 17.841  10.773  1.00 91.73  ? 188 VAL A CA  1 
ATOM   189 C C   . VAL A 1 25 ? -11.217 17.849  9.767   1.00 90.27  ? 188 VAL A C   1 
ATOM   190 O O   . VAL A 1 25 ? -12.210 17.178  9.943   1.00 89.58  ? 188 VAL A O   1 
ATOM   191 C CB  . VAL A 1 25 ? -8.871  16.871  10.322  1.00 91.56  ? 188 VAL A CB  1 
ATOM   192 C CG1 . VAL A 1 25 ? -8.289  16.085  11.457  1.00 92.01  ? 188 VAL A CG1 1 
ATOM   193 C CG2 . VAL A 1 25 ? -9.280  15.918  9.244   1.00 92.05  ? 188 VAL A CG2 1 
ATOM   194 N N   . ASP A 1 26 ? -11.063 18.624  8.714   1.00 89.20  ? 189 ASP A N   1 
ATOM   195 C CA  . ASP A 1 26 ? -12.023 18.630  7.641   1.00 88.78  ? 189 ASP A CA  1 
ATOM   196 C C   . ASP A 1 26 ? -11.327 19.048  6.355   1.00 87.93  ? 189 ASP A C   1 
ATOM   197 O O   . ASP A 1 26 ? -10.233 19.604  6.396   1.00 87.63  ? 189 ASP A O   1 
ATOM   198 C CB  . ASP A 1 26 ? -13.157 19.601  7.972   1.00 89.01  ? 189 ASP A CB  1 
ATOM   199 C CG  . ASP A 1 26 ? -14.341 19.464  7.026   1.00 90.01  ? 189 ASP A CG  1 
ATOM   200 O OD1 . ASP A 1 26 ? -14.840 18.324  6.836   1.00 90.09  ? 189 ASP A OD1 1 
ATOM   201 O OD2 . ASP A 1 26 ? -14.832 20.442  6.421   1.00 92.20  ? 189 ASP A OD2 1 
ATOM   202 N N   . ASN A 1 27 ? -11.968 18.779  5.222   1.00 86.84  ? 190 ASN A N   1 
ATOM   203 C CA  . ASN A 1 27 ? -11.513 19.287  3.939   1.00 85.98  ? 190 ASN A CA  1 
ATOM   204 C C   . ASN A 1 27 ? -10.188 18.698  3.481   1.00 85.20  ? 190 ASN A C   1 
ATOM   205 O O   . ASN A 1 27 ? -9.405  19.347  2.828   1.00 84.12  ? 190 ASN A O   1 
ATOM   206 C CB  . ASN A 1 27 ? -11.426 20.815  4.004   1.00 86.27  ? 190 ASN A CB  1 
ATOM   207 C CG  . ASN A 1 27 ? -12.753 21.461  3.885   1.00 84.86  ? 190 ASN A CG  1 
ATOM   208 O OD1 . ASN A 1 27 ? -13.737 20.815  3.547   1.00 85.80  ? 190 ASN A OD1 1 
ATOM   209 N ND2 . ASN A 1 27 ? -12.792 22.743  4.124   1.00 81.31  ? 190 ASN A ND2 1 
ATOM   210 N N   . VAL A 1 28 ? -9.977  17.439  3.813   1.00 85.31  ? 191 VAL A N   1 
ATOM   211 C CA  . VAL A 1 28 ? -8.765  16.720  3.449   1.00 85.74  ? 191 VAL A CA  1 
ATOM   212 C C   . VAL A 1 28 ? -8.596  16.531  1.942   1.00 86.74  ? 191 VAL A C   1 
ATOM   213 O O   . VAL A 1 28 ? -9.560  16.192  1.243   1.00 87.59  ? 191 VAL A O   1 
ATOM   214 C CB  . VAL A 1 28 ? -8.783  15.326  4.051   1.00 85.37  ? 191 VAL A CB  1 
ATOM   215 C CG1 . VAL A 1 28 ? -7.441  14.628  3.831   1.00 85.60  ? 191 VAL A CG1 1 
ATOM   216 C CG2 . VAL A 1 28 ? -9.158  15.380  5.533   1.00 84.95  ? 191 VAL A CG2 1 
ATOM   217 N N   . GLN A 1 29 ? -7.387  16.778  1.441   1.00 87.39  ? 192 GLN A N   1 
ATOM   218 C CA  . GLN A 1 29 ? -6.978  16.313  0.124   1.00 88.11  ? 192 GLN A CA  1 
ATOM   219 C C   . GLN A 1 29 ? -5.626  15.641  0.243   1.00 89.98  ? 192 GLN A C   1 
ATOM   220 O O   . GLN A 1 29 ? -4.789  16.070  1.016   1.00 89.86  ? 192 GLN A O   1 
ATOM   221 C CB  . GLN A 1 29 ? -6.854  17.469  -0.837  1.00 87.25  ? 192 GLN A CB  1 
ATOM   222 C CG  . GLN A 1 29 ? -8.141  17.975  -1.370  1.00 86.40  ? 192 GLN A CG  1 
ATOM   223 C CD  . GLN A 1 29 ? -9.008  16.927  -2.031  1.00 84.72  ? 192 GLN A CD  1 
ATOM   224 O OE1 . GLN A 1 29 ? -8.509  15.994  -2.650  1.00 81.87  ? 192 GLN A OE1 1 
ATOM   225 N NE2 . GLN A 1 29 ? -10.326 17.091  -1.901  1.00 84.83  ? 192 GLN A NE2 1 
ATOM   226 N N   . ILE A 1 30 ? -5.389  14.586  -0.512  1.00 92.45  ? 193 ILE A N   1 
ATOM   227 C CA  . ILE A 1 30 ? -4.021  14.100  -0.610  1.00 94.74  ? 193 ILE A CA  1 
ATOM   228 C C   . ILE A 1 30 ? -3.188  14.938  -1.609  1.00 97.35  ? 193 ILE A C   1 
ATOM   229 O O   . ILE A 1 30 ? -3.657  15.316  -2.667  1.00 97.04  ? 193 ILE A O   1 
ATOM   230 C CB  . ILE A 1 30 ? -4.001  12.599  -0.948  1.00 94.52  ? 193 ILE A CB  1 
ATOM   231 C CG1 . ILE A 1 30 ? -4.507  11.785  0.255   1.00 93.84  ? 193 ILE A CG1 1 
ATOM   232 C CG2 . ILE A 1 30 ? -2.582  12.154  -1.278  1.00 94.56  ? 193 ILE A CG2 1 
ATOM   233 C CD1 . ILE A 1 30 ? -5.366  10.605  -0.075  1.00 92.36  ? 193 ILE A CD1 1 
ATOM   234 N N   . LEU A 1 31 ? -1.960  15.253  -1.240  1.00 100.93 ? 194 LEU A N   1 
ATOM   235 C CA  . LEU A 1 31 ? -0.959  15.679  -2.210  1.00 104.22 ? 194 LEU A CA  1 
ATOM   236 C C   . LEU A 1 31 ? -0.250  14.414  -2.718  1.00 108.04 ? 194 LEU A C   1 
ATOM   237 O O   . LEU A 1 31 ? 0.625   13.814  -2.043  1.00 108.23 ? 194 LEU A O   1 
ATOM   238 C CB  . LEU A 1 31 ? 0.043   16.663  -1.596  1.00 104.01 ? 194 LEU A CB  1 
ATOM   239 C CG  . LEU A 1 31 ? -0.506  17.748  -0.653  1.00 103.06 ? 194 LEU A CG  1 
ATOM   240 C CD1 . LEU A 1 31 ? 0.630   18.533  -0.010  1.00 102.16 ? 194 LEU A CD1 1 
ATOM   241 C CD2 . LEU A 1 31 ? -1.475  18.682  -1.369  1.00 102.57 ? 194 LEU A CD2 1 
ATOM   242 N N   . SER A 1 32 ? -0.673  13.983  -3.900  1.00 112.60 ? 195 SER A N   1 
ATOM   243 C CA  . SER A 1 32 ? -0.127  12.772  -4.500  1.00 116.01 ? 195 SER A CA  1 
ATOM   244 C C   . SER A 1 32 ? 1.190   13.104  -5.231  1.00 119.79 ? 195 SER A C   1 
ATOM   245 O O   . SER A 1 32 ? 1.206   13.746  -6.294  1.00 119.87 ? 195 SER A O   1 
ATOM   246 C CB  . SER A 1 32 ? -1.152  12.056  -5.396  1.00 115.79 ? 195 SER A CB  1 
ATOM   247 O OG  . SER A 1 32 ? -1.975  12.928  -6.158  1.00 114.98 ? 195 SER A OG  1 
ATOM   248 N N   . ALA A 1 33 ? 2.289   12.678  -4.608  1.00 124.31 ? 196 ALA A N   1 
ATOM   249 C CA  . ALA A 1 33 ? 3.644   12.956  -5.081  1.00 127.65 ? 196 ALA A CA  1 
ATOM   250 C C   . ALA A 1 33 ? 4.105   11.933  -6.144  1.00 130.91 ? 196 ALA A C   1 
ATOM   251 O O   . ALA A 1 33 ? 4.879   12.282  -7.059  1.00 131.57 ? 196 ALA A O   1 
ATOM   252 C CB  . ALA A 1 33 ? 4.643   13.009  -3.882  1.00 127.69 ? 196 ALA A CB  1 
ATOM   253 N N   . LYS A 1 34 ? 3.654   10.676  -6.023  1.00 134.52 ? 197 LYS A N   1 
ATOM   254 C CA  . LYS A 1 34 ? 3.929   9.658   -7.066  1.00 137.25 ? 197 LYS A CA  1 
ATOM   255 C C   . LYS A 1 34 ? 2.772   9.712   -8.083  1.00 138.99 ? 197 LYS A C   1 
ATOM   256 O O   . LYS A 1 34 ? 1.648   10.117  -7.695  1.00 139.54 ? 197 LYS A O   1 
ATOM   257 C CB  . LYS A 1 34 ? 4.070   8.223   -6.467  1.00 137.64 ? 197 LYS A CB  1 
ATOM   258 C CG  . LYS A 1 34 ? 5.348   7.969   -5.592  1.00 138.51 ? 197 LYS A CG  1 
ATOM   259 C CD  . LYS A 1 34 ? 6.318   6.911   -6.186  1.00 138.84 ? 197 LYS A CD  1 
ATOM   260 C CE  . LYS A 1 34 ? 7.374   6.437   -5.147  1.00 138.96 ? 197 LYS A CE  1 
ATOM   261 N NZ  . LYS A 1 34 ? 6.822   5.574   -4.044  1.00 138.34 ? 197 LYS A NZ  1 
ATOM   262 N N   . PRO A 1 35 ? 3.027   9.340   -9.359  1.00 140.69 ? 198 PRO A N   1 
ATOM   263 C CA  . PRO A 1 35 ? 1.935   9.033   -10.327 1.00 141.46 ? 198 PRO A CA  1 
ATOM   264 C C   . PRO A 1 35 ? 0.633   8.392   -9.701  1.00 142.07 ? 198 PRO A C   1 
ATOM   265 O O   . PRO A 1 35 ? 0.743   7.365   -8.998  1.00 142.23 ? 198 PRO A O   1 
ATOM   266 C CB  . PRO A 1 35 ? 2.625   8.086   -11.341 1.00 141.38 ? 198 PRO A CB  1 
ATOM   267 C CG  . PRO A 1 35 ? 4.108   8.541   -11.343 1.00 141.20 ? 198 PRO A CG  1 
ATOM   268 C CD  . PRO A 1 35 ? 4.370   9.218   -9.986  1.00 140.67 ? 198 PRO A CD  1 
ATOM   269 N N   . ALA A 1 36 ? -0.547  9.001   -9.962  1.00 142.52 ? 199 ALA A N   1 
ATOM   270 C CA  . ALA A 1 36 ? -1.833  8.740   -9.237  1.00 142.58 ? 199 ALA A CA  1 
ATOM   271 C C   . ALA A 1 36 ? -1.951  7.385   -8.531  1.00 142.54 ? 199 ALA A C   1 
ATOM   272 O O   . ALA A 1 36 ? -2.226  7.347   -7.322  1.00 142.96 ? 199 ALA A O   1 
ATOM   273 C CB  . ALA A 1 36 ? -3.044  8.969   -10.140 1.00 142.42 ? 199 ALA A CB  1 
ATOM   274 N N   . ASN A 1 37 ? -1.749  6.301   -9.289  1.00 141.98 ? 200 ASN A N   1 
ATOM   275 C CA  . ASN A 1 37 ? -1.629  4.945   -8.740  1.00 141.40 ? 200 ASN A CA  1 
ATOM   276 C C   . ASN A 1 37 ? -0.325  4.781   -7.905  1.00 140.28 ? 200 ASN A C   1 
ATOM   277 O O   . ASN A 1 37 ? 0.760   4.536   -8.451  1.00 140.31 ? 200 ASN A O   1 
ATOM   278 C CB  . ASN A 1 37 ? -1.677  3.915   -9.886  1.00 141.78 ? 200 ASN A CB  1 
ATOM   279 C CG  . ASN A 1 37 ? -2.976  3.994   -10.712 1.00 142.92 ? 200 ASN A CG  1 
ATOM   280 O OD1 . ASN A 1 37 ? -4.074  3.984   -10.152 1.00 144.58 ? 200 ASN A OD1 1 
ATOM   281 N ND2 . ASN A 1 37 ? -2.848  4.061   -12.046 1.00 143.53 ? 200 ASN A ND2 1 
ATOM   282 N N   . MET A 1 38 ? -0.443  4.946   -6.585  1.00 138.73 ? 201 MET A N   1 
ATOM   283 C CA  . MET A 1 38 ? 0.703   4.889   -5.672  1.00 137.37 ? 201 MET A CA  1 
ATOM   284 C C   . MET A 1 38 ? 0.709   3.552   -4.921  1.00 135.78 ? 201 MET A C   1 
ATOM   285 O O   . MET A 1 38 ? 1.721   2.851   -4.927  1.00 135.79 ? 201 MET A O   1 
ATOM   286 C CB  . MET A 1 38 ? 0.735   6.124   -4.724  1.00 137.55 ? 201 MET A CB  1 
ATOM   287 C CG  . MET A 1 38 ? 0.543   5.880   -3.190  1.00 137.64 ? 201 MET A CG  1 
ATOM   288 S SD  . MET A 1 38 ? 2.099   5.583   -2.282  1.00 138.15 ? 201 MET A SD  1 
ATOM   289 C CE  . MET A 1 38 ? 1.970   3.865   -1.582  1.00 138.10 ? 201 MET A CE  1 
ATOM   290 N N   . PHE A 1 39 ? -0.424  3.208   -4.299  1.00 133.62 ? 202 PHE A N   1 
ATOM   291 C CA  . PHE A 1 39 ? -0.556  2.011   -3.459  1.00 131.93 ? 202 PHE A CA  1 
ATOM   292 C C   . PHE A 1 39 ? -0.414  0.804   -4.354  1.00 130.44 ? 202 PHE A C   1 
ATOM   293 O O   . PHE A 1 39 ? 0.380   -0.086  -4.082  1.00 130.06 ? 202 PHE A O   1 
ATOM   294 C CB  . PHE A 1 39 ? -1.918  2.044   -2.735  1.00 131.98 ? 202 PHE A CB  1 
ATOM   295 C CG  . PHE A 1 39 ? -2.422  0.705   -2.223  1.00 131.44 ? 202 PHE A CG  1 
ATOM   296 C CD1 . PHE A 1 39 ? -2.168  0.296   -0.914  1.00 130.93 ? 202 PHE A CD1 1 
ATOM   297 C CD2 . PHE A 1 39 ? -3.226  -0.101  -3.019  1.00 130.77 ? 202 PHE A CD2 1 
ATOM   298 C CE1 . PHE A 1 39 ? -2.670  -0.922  -0.424  1.00 130.28 ? 202 PHE A CE1 1 
ATOM   299 C CE2 . PHE A 1 39 ? -3.723  -1.314  -2.536  1.00 130.36 ? 202 PHE A CE2 1 
ATOM   300 C CZ  . PHE A 1 39 ? -3.446  -1.722  -1.238  1.00 130.11 ? 202 PHE A CZ  1 
ATOM   301 N N   . GLU A 1 40 ? -1.164  0.842   -5.455  1.00 128.84 ? 203 GLU A N   1 
ATOM   302 C CA  . GLU A 1 40 ? -1.190  -0.187  -6.507  1.00 127.30 ? 203 GLU A CA  1 
ATOM   303 C C   . GLU A 1 40 ? 0.177   -0.555  -7.100  1.00 125.32 ? 203 GLU A C   1 
ATOM   304 O O   . GLU A 1 40 ? 0.485   -1.723  -7.278  1.00 125.34 ? 203 GLU A O   1 
ATOM   305 C CB  . GLU A 1 40 ? -2.082  0.281   -7.663  1.00 127.53 ? 203 GLU A CB  1 
ATOM   306 C CG  . GLU A 1 40 ? -3.450  0.824   -7.262  1.00 128.82 ? 203 GLU A CG  1 
ATOM   307 C CD  . GLU A 1 40 ? -4.493  0.616   -8.351  1.00 130.85 ? 203 GLU A CD  1 
ATOM   308 O OE1 . GLU A 1 40 ? -4.172  0.857   -9.561  1.00 131.31 ? 203 GLU A OE1 1 
ATOM   309 O OE2 . GLU A 1 40 ? -5.631  0.202   -7.989  1.00 131.32 ? 203 GLU A OE2 1 
ATOM   310 N N   . ARG A 1 41 ? 0.982   0.435   -7.446  1.00 122.89 ? 204 ARG A N   1 
ATOM   311 C CA  . ARG A 1 41 ? 2.275   0.153   -8.048  1.00 121.21 ? 204 ARG A CA  1 
ATOM   312 C C   . ARG A 1 41 ? 3.199   -0.529  -7.060  1.00 118.50 ? 204 ARG A C   1 
ATOM   313 O O   . ARG A 1 41 ? 3.977   -1.391  -7.444  1.00 118.31 ? 204 ARG A O   1 
ATOM   314 C CB  . ARG A 1 41 ? 2.925   1.437   -8.553  1.00 121.84 ? 204 ARG A CB  1 
ATOM   315 C CG  . ARG A 1 41 ? 2.509   1.834   -9.949  1.00 124.64 ? 204 ARG A CG  1 
ATOM   316 C CD  . ARG A 1 41 ? 3.680   2.203   -10.844 1.00 128.99 ? 204 ARG A CD  1 
ATOM   317 N NE  . ARG A 1 41 ? 3.242   2.948   -12.036 1.00 132.41 ? 204 ARG A NE  1 
ATOM   318 C CZ  . ARG A 1 41 ? 3.684   4.163   -12.406 1.00 134.92 ? 204 ARG A CZ  1 
ATOM   319 N NH1 . ARG A 1 41 ? 4.587   4.836   -11.682 1.00 135.86 ? 204 ARG A NH1 1 
ATOM   320 N NH2 . ARG A 1 41 ? 3.211   4.720   -13.520 1.00 135.60 ? 204 ARG A NH2 1 
ATOM   321 N N   . GLU A 1 42 ? 3.117   -0.131  -5.794  1.00 115.41 ? 205 GLU A N   1 
ATOM   322 C CA  . GLU A 1 42 ? 3.971   -0.694  -4.753  1.00 113.24 ? 205 GLU A CA  1 
ATOM   323 C C   . GLU A 1 42 ? 3.619   -2.152  -4.449  1.00 110.11 ? 205 GLU A C   1 
ATOM   324 O O   . GLU A 1 42 ? 4.455   -2.899  -3.959  1.00 109.58 ? 205 GLU A O   1 
ATOM   325 C CB  . GLU A 1 42 ? 3.884   0.142   -3.466  1.00 113.83 ? 205 GLU A CB  1 
ATOM   326 C CG  . GLU A 1 42 ? 4.342   1.594   -3.606  1.00 115.86 ? 205 GLU A CG  1 
ATOM   327 C CD  . GLU A 1 42 ? 5.856   1.781   -3.467  1.00 118.90 ? 205 GLU A CD  1 
ATOM   328 O OE1 . GLU A 1 42 ? 6.618   1.037   -4.158  1.00 119.62 ? 205 GLU A OE1 1 
ATOM   329 O OE2 . GLU A 1 42 ? 6.279   2.684   -2.680  1.00 120.28 ? 205 GLU A OE2 1 
ATOM   330 N N   . VAL A 1 43 ? 2.383   -2.536  -4.741  1.00 106.63 ? 206 VAL A N   1 
ATOM   331 C CA  . VAL A 1 43 ? 1.906   -3.893  -4.544  1.00 104.12 ? 206 VAL A CA  1 
ATOM   332 C C   . VAL A 1 43 ? 2.387   -4.797  -5.657  1.00 102.40 ? 206 VAL A C   1 
ATOM   333 O O   . VAL A 1 43 ? 3.036   -5.798  -5.401  1.00 102.35 ? 206 VAL A O   1 
ATOM   334 C CB  . VAL A 1 43 ? 0.385   -3.937  -4.516  1.00 103.67 ? 206 VAL A CB  1 
ATOM   335 C CG1 . VAL A 1 43 ? -0.113  -5.347  -4.372  1.00 103.50 ? 206 VAL A CG1 1 
ATOM   336 C CG2 . VAL A 1 43 ? -0.125  -3.136  -3.374  1.00 103.56 ? 206 VAL A CG2 1 
ATOM   337 N N   . LYS A 1 44 ? 2.054   -4.437  -6.890  1.00 100.40 ? 207 LYS A N   1 
ATOM   338 C CA  . LYS A 1 44 ? 2.474   -5.174  -8.075  1.00 99.00  ? 207 LYS A CA  1 
ATOM   339 C C   . LYS A 1 44 ? 3.971   -5.357  -8.036  1.00 98.67  ? 207 LYS A C   1 
ATOM   340 O O   . LYS A 1 44 ? 4.522   -6.368  -8.487  1.00 98.19  ? 207 LYS A O   1 
ATOM   341 C CB  . LYS A 1 44 ? 2.080   -4.416  -9.339  1.00 98.49  ? 207 LYS A CB  1 
ATOM   342 C CG  . LYS A 1 44 ? 0.562   -4.338  -9.548  1.00 98.09  ? 207 LYS A CG  1 
ATOM   343 C CD  . LYS A 1 44 ? 0.156   -3.586  -10.811 1.00 97.34  ? 207 LYS A CD  1 
ATOM   344 C CE  . LYS A 1 44 ? -1.303  -3.172  -10.785 1.00 97.08  ? 207 LYS A CE  1 
ATOM   345 N NZ  . LYS A 1 44 ? -1.845  -2.787  -12.135 1.00 97.81  ? 207 LYS A NZ  1 
ATOM   346 N N   . ASN A 1 45 ? 4.637   -4.356  -7.484  1.00 98.40  ? 208 ASN A N   1 
ATOM   347 C CA  . ASN A 1 45 ? 6.062   -4.411  -7.368  1.00 98.23  ? 208 ASN A CA  1 
ATOM   348 C C   . ASN A 1 45 ? 6.451   -5.507  -6.440  1.00 97.05  ? 208 ASN A C   1 
ATOM   349 O O   . ASN A 1 45 ? 7.248   -6.326  -6.818  1.00 97.65  ? 208 ASN A O   1 
ATOM   350 C CB  . ASN A 1 45 ? 6.671   -3.083  -6.923  1.00 98.75  ? 208 ASN A CB  1 
ATOM   351 C CG  . ASN A 1 45 ? 8.009   -2.809  -7.619  1.00 101.83 ? 208 ASN A CG  1 
ATOM   352 O OD1 . ASN A 1 45 ? 9.051   -2.641  -6.954  1.00 104.31 ? 208 ASN A OD1 1 
ATOM   353 N ND2 . ASN A 1 45 ? 7.995   -2.808  -8.977  1.00 103.27 ? 208 ASN A ND2 1 
ATOM   354 N N   . ALA A 1 46 ? 5.878   -5.548  -5.244  1.00 95.91  ? 209 ALA A N   1 
ATOM   355 C CA  . ALA A 1 46 ? 6.225   -6.581  -4.273  1.00 95.36  ? 209 ALA A CA  1 
ATOM   356 C C   . ALA A 1 46 ? 5.939   -8.024  -4.731  1.00 95.47  ? 209 ALA A C   1 
ATOM   357 O O   . ALA A 1 46 ? 6.545   -8.953  -4.206  1.00 95.44  ? 209 ALA A O   1 
ATOM   358 C CB  . ALA A 1 46 ? 5.556   -6.303  -2.958  1.00 95.14  ? 209 ALA A CB  1 
ATOM   359 N N   . MET A 1 47 ? 5.049   -8.205  -5.705  1.00 95.62  ? 210 MET A N   1 
ATOM   360 C CA  . MET A 1 47 ? 4.771   -9.510  -6.295  1.00 96.27  ? 210 MET A CA  1 
ATOM   361 C C   . MET A 1 47 ? 5.744   -9.964  -7.422  1.00 97.71  ? 210 MET A C   1 
ATOM   362 O O   . MET A 1 47 ? 5.596   -11.056 -7.966  1.00 97.45  ? 210 MET A O   1 
ATOM   363 C CB  . MET A 1 47 ? 3.362   -9.513  -6.863  1.00 95.85  ? 210 MET A CB  1 
ATOM   364 C CG  . MET A 1 47 ? 2.286   -9.221  -5.863  1.00 95.95  ? 210 MET A CG  1 
ATOM   365 S SD  . MET A 1 47 ? 0.619   -9.031  -6.566  1.00 96.18  ? 210 MET A SD  1 
ATOM   366 C CE  . MET A 1 47 ? 0.587   -10.234 -7.745  1.00 96.64  ? 210 MET A CE  1 
ATOM   367 N N   . ARG A 1 48 ? 6.679   -9.102  -7.818  1.00 99.52  ? 211 ARG A N   1 
ATOM   368 C CA  . ARG A 1 48 ? 7.875   -9.486  -8.600  1.00 100.90 ? 211 ARG A CA  1 
ATOM   369 C C   . ARG A 1 48 ? 8.678   -10.509 -7.846  1.00 100.75 ? 211 ARG A C   1 
ATOM   370 O O   . ARG A 1 48 ? 9.139   -11.522 -8.385  1.00 101.08 ? 211 ARG A O   1 
ATOM   371 C CB  . ARG A 1 48 ? 8.807   -8.275  -8.773  1.00 101.78 ? 211 ARG A CB  1 
ATOM   372 C CG  . ARG A 1 48 ? 8.741   -7.568  -10.154 1.00 105.60 ? 211 ARG A CG  1 
ATOM   373 C CD  . ARG A 1 48 ? 8.484   -6.028  -10.112 1.00 109.54 ? 211 ARG A CD  1 
ATOM   374 N NE  . ARG A 1 48 ? 9.610   -5.255  -10.671 1.00 112.45 ? 211 ARG A NE  1 
ATOM   375 C CZ  . ARG A 1 48 ? 10.732  -4.903  -10.007 1.00 113.78 ? 211 ARG A CZ  1 
ATOM   376 N NH1 . ARG A 1 48 ? 10.929  -5.246  -8.727  1.00 114.25 ? 211 ARG A NH1 1 
ATOM   377 N NH2 . ARG A 1 48 ? 11.671  -4.201  -10.640 1.00 113.88 ? 211 ARG A NH2 1 
ATOM   378 N N   . ARG A 1 49 ? 8.837   -10.202 -6.575  1.00 100.62 ? 212 ARG A N   1 
ATOM   379 C CA  . ARG A 1 49 ? 9.628   -11.002 -5.687  1.00 101.13 ? 212 ARG A CA  1 
ATOM   380 C C   . ARG A 1 49 ? 9.013   -12.338 -5.386  1.00 100.08 ? 212 ARG A C   1 
ATOM   381 O O   . ARG A 1 49 ? 9.625   -13.146 -4.718  1.00 100.42 ? 212 ARG A O   1 
ATOM   382 C CB  . ARG A 1 49 ? 9.811   -10.257 -4.374  1.00 101.75 ? 212 ARG A CB  1 
ATOM   383 C CG  . ARG A 1 49 ? 10.487  -8.929  -4.568  1.00 105.03 ? 212 ARG A CG  1 
ATOM   384 C CD  . ARG A 1 49 ? 11.345  -8.516  -3.382  1.00 110.06 ? 212 ARG A CD  1 
ATOM   385 N NE  . ARG A 1 49 ? 10.600  -7.680  -2.445  1.00 113.75 ? 212 ARG A NE  1 
ATOM   386 C CZ  . ARG A 1 49 ? 10.148  -6.449  -2.724  1.00 117.78 ? 212 ARG A CZ  1 
ATOM   387 N NH1 . ARG A 1 49 ? 10.366  -5.901  -3.931  1.00 118.92 ? 212 ARG A NH1 1 
ATOM   388 N NH2 . ARG A 1 49 ? 9.466   -5.757  -1.795  1.00 119.06 ? 212 ARG A NH2 1 
ATOM   389 N N   . TRP A 1 50 ? 7.791   -12.576 -5.819  1.00 99.14  ? 213 TRP A N   1 
ATOM   390 C CA  . TRP A 1 50 ? 7.162   -13.826 -5.458  1.00 98.24  ? 213 TRP A CA  1 
ATOM   391 C C   . TRP A 1 50 ? 7.719   -14.908 -6.320  1.00 98.65  ? 213 TRP A C   1 
ATOM   392 O O   . TRP A 1 50 ? 7.903   -14.709 -7.531  1.00 99.03  ? 213 TRP A O   1 
ATOM   393 C CB  . TRP A 1 50 ? 5.646   -13.765 -5.591  1.00 97.73  ? 213 TRP A CB  1 
ATOM   394 C CG  . TRP A 1 50 ? 4.958   -13.021 -4.469  1.00 94.26  ? 213 TRP A CG  1 
ATOM   395 C CD1 . TRP A 1 50 ? 5.538   -12.390 -3.399  1.00 90.56  ? 213 TRP A CD1 1 
ATOM   396 C CD2 . TRP A 1 50 ? 3.560   -12.834 -4.331  1.00 91.43  ? 213 TRP A CD2 1 
ATOM   397 N NE1 . TRP A 1 50 ? 4.576   -11.808 -2.618  1.00 89.04  ? 213 TRP A NE1 1 
ATOM   398 C CE2 . TRP A 1 50 ? 3.350   -12.060 -3.171  1.00 90.70  ? 213 TRP A CE2 1 
ATOM   399 C CE3 . TRP A 1 50 ? 2.443   -13.222 -5.099  1.00 91.14  ? 213 TRP A CE3 1 
ATOM   400 C CZ2 . TRP A 1 50 ? 2.073   -11.680 -2.747  1.00 91.10  ? 213 TRP A CZ2 1 
ATOM   401 C CZ3 . TRP A 1 50 ? 1.177   -12.851 -4.684  1.00 90.50  ? 213 TRP A CZ3 1 
ATOM   402 C CH2 . TRP A 1 50 ? 0.998   -12.096 -3.513  1.00 91.53  ? 213 TRP A CH2 1 
ATOM   403 N N   . ARG A 1 51 ? 7.976   -16.046 -5.676  1.00 99.00  ? 214 ARG A N   1 
ATOM   404 C CA  . ARG A 1 51 ? 8.523   -17.224 -6.329  1.00 99.61  ? 214 ARG A CA  1 
ATOM   405 C C   . ARG A 1 51 ? 7.510   -18.401 -6.371  1.00 99.57  ? 214 ARG A C   1 
ATOM   406 O O   . ARG A 1 51 ? 6.699   -18.580 -5.435  1.00 99.39  ? 214 ARG A O   1 
ATOM   407 C CB  . ARG A 1 51 ? 9.840   -17.615 -5.637  1.00 99.59  ? 214 ARG A CB  1 
ATOM   408 C CG  . ARG A 1 51 ? 11.035  -17.866 -6.584  1.00 101.41 ? 214 ARG A CG  1 
ATOM   409 C CD  . ARG A 1 51 ? 11.353  -16.743 -7.565  1.00 103.53 ? 214 ARG A CD  1 
ATOM   410 N NE  . ARG A 1 51 ? 12.252  -15.755 -6.971  1.00 106.26 ? 214 ARG A NE  1 
ATOM   411 C CZ  . ARG A 1 51 ? 12.292  -14.442 -7.274  1.00 108.16 ? 214 ARG A CZ  1 
ATOM   412 N NH1 . ARG A 1 51 ? 11.476  -13.887 -8.187  1.00 108.17 ? 214 ARG A NH1 1 
ATOM   413 N NH2 . ARG A 1 51 ? 13.178  -13.667 -6.640  1.00 108.60 ? 214 ARG A NH2 1 
ATOM   414 N N   . TYR A 1 52 ? 7.560   -19.137 -7.498  1.00 99.39  ? 215 TYR A N   1 
ATOM   415 C CA  . TYR A 1 52 ? 6.808   -20.385 -7.775  1.00 99.26  ? 215 TYR A CA  1 
ATOM   416 C C   . TYR A 1 52 ? 7.728   -21.451 -8.395  1.00 99.68  ? 215 TYR A C   1 
ATOM   417 O O   . TYR A 1 52 ? 8.811   -21.145 -8.888  1.00 99.42  ? 215 TYR A O   1 
ATOM   418 C CB  . TYR A 1 52 ? 5.625   -20.117 -8.729  1.00 98.97  ? 215 TYR A CB  1 
ATOM   419 C CG  . TYR A 1 52 ? 4.555   -19.298 -8.048  1.00 97.29  ? 215 TYR A CG  1 
ATOM   420 C CD1 . TYR A 1 52 ? 4.706   -17.920 -7.892  1.00 95.42  ? 215 TYR A CD1 1 
ATOM   421 C CD2 . TYR A 1 52 ? 3.431   -19.909 -7.506  1.00 94.53  ? 215 TYR A CD2 1 
ATOM   422 C CE1 . TYR A 1 52 ? 3.764   -17.176 -7.227  1.00 94.85  ? 215 TYR A CE1 1 
ATOM   423 C CE2 . TYR A 1 52 ? 2.477   -19.178 -6.844  1.00 93.83  ? 215 TYR A CE2 1 
ATOM   424 C CZ  . TYR A 1 52 ? 2.639   -17.809 -6.702  1.00 93.84  ? 215 TYR A CZ  1 
ATOM   425 O OH  . TYR A 1 52 ? 1.681   -17.075 -6.030  1.00 90.15  ? 215 TYR A OH  1 
ATOM   426 N N   . GLU A 1 53 ? 7.290   -22.701 -8.403  1.00 100.26 ? 216 GLU A N   1 
ATOM   427 C CA  . GLU A 1 53 ? 8.141   -23.768 -8.912  1.00 100.79 ? 216 GLU A CA  1 
ATOM   428 C C   . GLU A 1 53 ? 8.065   -23.819 -10.457 1.00 100.53 ? 216 GLU A C   1 
ATOM   429 O O   . GLU A 1 53 ? 6.979   -23.651 -11.066 1.00 100.12 ? 216 GLU A O   1 
ATOM   430 C CB  . GLU A 1 53 ? 7.817   -25.113 -8.239  1.00 101.20 ? 216 GLU A CB  1 
ATOM   431 C CG  . GLU A 1 53 ? 7.665   -25.030 -6.707  1.00 103.73 ? 216 GLU A CG  1 
ATOM   432 C CD  . GLU A 1 53 ? 8.770   -25.732 -5.881  1.00 107.09 ? 216 GLU A CD  1 
ATOM   433 O OE1 . GLU A 1 53 ? 9.215   -26.831 -6.279  1.00 111.23 ? 216 GLU A OE1 1 
ATOM   434 O OE2 . GLU A 1 53 ? 9.182   -25.222 -4.801  1.00 107.64 ? 216 GLU A OE2 1 
ATOM   435 N N   . PRO A 1 54 ? 9.230   -24.018 -11.087 1.00 100.51 ? 217 PRO A N   1 
ATOM   436 C CA  . PRO A 1 54 ? 9.351   -23.917 -12.547 1.00 100.56 ? 217 PRO A CA  1 
ATOM   437 C C   . PRO A 1 54 ? 8.786   -25.149 -13.211 1.00 100.98 ? 217 PRO A C   1 
ATOM   438 O O   . PRO A 1 54 ? 8.809   -26.193 -12.570 1.00 100.88 ? 217 PRO A O   1 
ATOM   439 C CB  . PRO A 1 54 ? 10.850  -23.826 -12.767 1.00 100.18 ? 217 PRO A CB  1 
ATOM   440 C CG  . PRO A 1 54 ? 11.418  -24.547 -11.628 1.00 100.36 ? 217 PRO A CG  1 
ATOM   441 C CD  . PRO A 1 54 ? 10.516  -24.366 -10.463 1.00 100.29 ? 217 PRO A CD  1 
ATOM   442 N N   . GLY A 1 55 ? 8.244   -25.038 -14.419 1.00 101.51 ? 218 GLY A N   1 
ATOM   443 C CA  . GLY A 1 55 ? 7.595   -26.174 -15.033 1.00 102.31 ? 218 GLY A CA  1 
ATOM   444 C C   . GLY A 1 55 ? 6.214   -26.533 -14.485 1.00 103.32 ? 218 GLY A C   1 
ATOM   445 O O   . GLY A 1 55 ? 5.622   -27.501 -14.956 1.00 103.42 ? 218 GLY A O   1 
ATOM   446 N N   . LYS A 1 56 ? 5.692   -25.800 -13.497 1.00 104.34 ? 219 LYS A N   1 
ATOM   447 C CA  . LYS A 1 56 ? 4.237   -25.744 -13.319 1.00 104.84 ? 219 LYS A CA  1 
ATOM   448 C C   . LYS A 1 56 ? 3.717   -24.286 -13.358 1.00 104.42 ? 219 LYS A C   1 
ATOM   449 O O   . LYS A 1 56 ? 3.669   -23.580 -12.335 1.00 104.23 ? 219 LYS A O   1 
ATOM   450 C CB  . LYS A 1 56 ? 3.749   -26.498 -12.080 1.00 105.31 ? 219 LYS A CB  1 
ATOM   451 C CG  . LYS A 1 56 ? 2.211   -26.790 -12.173 1.00 107.21 ? 219 LYS A CG  1 
ATOM   452 C CD  . LYS A 1 56 ? 1.793   -28.124 -11.498 1.00 108.93 ? 219 LYS A CD  1 
ATOM   453 C CE  . LYS A 1 56 ? 1.767   -28.038 -9.950  1.00 109.81 ? 219 LYS A CE  1 
ATOM   454 N NZ  . LYS A 1 56 ? 2.980   -28.680 -9.324  1.00 108.91 ? 219 LYS A NZ  1 
ATOM   455 N N   . PRO A 1 57 ? 3.392   -23.837 -14.571 1.00 103.58 ? 220 PRO A N   1 
ATOM   456 C CA  . PRO A 1 57 ? 2.686   -22.573 -14.800 1.00 102.74 ? 220 PRO A CA  1 
ATOM   457 C C   . PRO A 1 57 ? 1.150   -22.634 -14.911 1.00 101.39 ? 220 PRO A C   1 
ATOM   458 O O   . PRO A 1 57 ? 0.538   -23.694 -14.984 1.00 101.39 ? 220 PRO A O   1 
ATOM   459 C CB  . PRO A 1 57 ? 3.258   -22.142 -16.134 1.00 102.68 ? 220 PRO A CB  1 
ATOM   460 C CG  . PRO A 1 57 ? 3.416   -23.433 -16.882 1.00 103.05 ? 220 PRO A CG  1 
ATOM   461 C CD  . PRO A 1 57 ? 3.790   -24.450 -15.852 1.00 103.76 ? 220 PRO A CD  1 
ATOM   462 N N   . GLY A 1 58 ? 0.558   -21.442 -14.907 1.00 99.83  ? 221 GLY A N   1 
ATOM   463 C CA  . GLY A 1 58 ? -0.862  -21.250 -15.146 1.00 98.66  ? 221 GLY A CA  1 
ATOM   464 C C   . GLY A 1 58 ? -1.205  -19.769 -15.344 1.00 97.25  ? 221 GLY A C   1 
ATOM   465 O O   . GLY A 1 58 ? -0.331  -18.907 -15.249 1.00 97.15  ? 221 GLY A O   1 
ATOM   466 N N   . SER A 1 59 ? -2.475  -19.477 -15.634 1.00 95.35  ? 222 SER A N   1 
ATOM   467 C CA  . SER A 1 59 ? -2.956  -18.097 -15.786 1.00 93.67  ? 222 SER A CA  1 
ATOM   468 C C   . SER A 1 59 ? -4.333  -17.929 -15.180 1.00 91.89  ? 222 SER A C   1 
ATOM   469 O O   . SER A 1 59 ? -5.083  -18.906 -15.017 1.00 91.41  ? 222 SER A O   1 
ATOM   470 C CB  . SER A 1 59 ? -3.040  -17.695 -17.248 1.00 93.69  ? 222 SER A CB  1 
ATOM   471 O OG  . SER A 1 59 ? -4.015  -18.490 -17.878 1.00 94.78  ? 222 SER A OG  1 
ATOM   472 N N   . GLY A 1 60 ? -4.637  -16.666 -14.862 1.00 89.80  ? 223 GLY A N   1 
ATOM   473 C CA  . GLY A 1 60 ? -5.829  -16.289 -14.134 1.00 87.76  ? 223 GLY A CA  1 
ATOM   474 C C   . GLY A 1 60 ? -5.812  -16.663 -12.662 1.00 86.03  ? 223 GLY A C   1 
ATOM   475 O O   . GLY A 1 60 ? -6.859  -16.701 -12.034 1.00 86.77  ? 223 GLY A O   1 
ATOM   476 N N   . ILE A 1 61 ? -4.649  -16.935 -12.089 1.00 83.99  ? 224 ILE A N   1 
ATOM   477 C CA  . ILE A 1 61 ? -4.568  -17.281 -10.670 1.00 82.57  ? 224 ILE A CA  1 
ATOM   478 C C   . ILE A 1 61 ? -4.981  -16.090 -9.821  1.00 81.45  ? 224 ILE A C   1 
ATOM   479 O O   . ILE A 1 61 ? -4.568  -14.979 -10.100 1.00 80.68  ? 224 ILE A O   1 
ATOM   480 C CB  . ILE A 1 61 ? -3.142  -17.749 -10.301 1.00 82.56  ? 224 ILE A CB  1 
ATOM   481 C CG1 . ILE A 1 61 ? -2.900  -19.155 -10.860 1.00 82.83  ? 224 ILE A CG1 1 
ATOM   482 C CG2 . ILE A 1 61 ? -2.895  -17.737 -8.764  1.00 82.13  ? 224 ILE A CG2 1 
ATOM   483 C CD1 . ILE A 1 61 ? -2.048  -19.182 -12.113 1.00 83.90  ? 224 ILE A CD1 1 
ATOM   484 N N   . VAL A 1 62 ? -5.802  -16.344 -8.799  1.00 80.06  ? 225 VAL A N   1 
ATOM   485 C CA  . VAL A 1 62 ? -6.316  -15.300 -7.918  1.00 78.91  ? 225 VAL A CA  1 
ATOM   486 C C   . VAL A 1 62 ? -5.953  -15.534 -6.449  1.00 78.57  ? 225 VAL A C   1 
ATOM   487 O O   . VAL A 1 62 ? -5.831  -16.672 -6.004  1.00 78.72  ? 225 VAL A O   1 
ATOM   488 C CB  . VAL A 1 62 ? -7.820  -15.206 -8.037  1.00 78.58  ? 225 VAL A CB  1 
ATOM   489 C CG1 . VAL A 1 62 ? -8.340  -13.954 -7.311  1.00 79.70  ? 225 VAL A CG1 1 
ATOM   490 C CG2 . VAL A 1 62 ? -8.235  -15.215 -9.496  1.00 77.70  ? 225 VAL A CG2 1 
ATOM   491 N N   . VAL A 1 63 ? -5.756  -14.455 -5.707  1.00 77.92  ? 226 VAL A N   1 
ATOM   492 C CA  . VAL A 1 63 ? -5.406  -14.537 -4.296  1.00 78.14  ? 226 VAL A CA  1 
ATOM   493 C C   . VAL A 1 63 ? -5.970  -13.307 -3.604  1.00 78.16  ? 226 VAL A C   1 
ATOM   494 O O   . VAL A 1 63 ? -6.111  -12.245 -4.235  1.00 78.34  ? 226 VAL A O   1 
ATOM   495 C CB  . VAL A 1 63 ? -3.868  -14.563 -4.045  1.00 78.18  ? 226 VAL A CB  1 
ATOM   496 C CG1 . VAL A 1 63 ? -3.263  -15.862 -4.430  1.00 79.02  ? 226 VAL A CG1 1 
ATOM   497 C CG2 . VAL A 1 63 ? -3.165  -13.448 -4.792  1.00 79.82  ? 226 VAL A CG2 1 
ATOM   498 N N   . ASN A 1 64 ? -6.312  -13.428 -2.327  1.00 77.77  ? 227 ASN A N   1 
ATOM   499 C CA  . ASN A 1 64 ? -6.763  -12.251 -1.596  1.00 77.81  ? 227 ASN A CA  1 
ATOM   500 C C   . ASN A 1 64 ? -5.704  -12.004 -0.562  1.00 78.89  ? 227 ASN A C   1 
ATOM   501 O O   . ASN A 1 64 ? -5.131  -12.934 -0.020  1.00 78.55  ? 227 ASN A O   1 
ATOM   502 C CB  . ASN A 1 64 ? -8.192  -12.435 -0.996  1.00 77.52  ? 227 ASN A CB  1 
ATOM   503 C CG  . ASN A 1 64 ? -8.690  -11.194 -0.200  1.00 74.53  ? 227 ASN A CG  1 
ATOM   504 O OD1 . ASN A 1 64 ? -9.208  -10.228 -0.754  1.00 70.68  ? 227 ASN A OD1 1 
ATOM   505 N ND2 . ASN A 1 64 ? -8.526  -11.244 1.104   1.00 69.99  ? 227 ASN A ND2 1 
ATOM   506 N N   . ILE A 1 65 ? -5.406  -10.749 -0.312  1.00 80.46  ? 228 ILE A N   1 
ATOM   507 C CA  . ILE A 1 65 ? -4.307  -10.430 0.573   1.00 82.38  ? 228 ILE A CA  1 
ATOM   508 C C   . ILE A 1 65 ? -4.849  -9.540  1.674   1.00 84.39  ? 228 ILE A C   1 
ATOM   509 O O   . ILE A 1 65 ? -5.452  -8.495  1.418   1.00 84.27  ? 228 ILE A O   1 
ATOM   510 C CB  . ILE A 1 65 ? -3.141  -9.696  -0.162  1.00 82.11  ? 228 ILE A CB  1 
ATOM   511 C CG1 . ILE A 1 65 ? -2.730  -10.413 -1.444  1.00 81.78  ? 228 ILE A CG1 1 
ATOM   512 C CG2 . ILE A 1 65 ? -1.961  -9.607  0.740   1.00 82.11  ? 228 ILE A CG2 1 
ATOM   513 C CD1 . ILE A 1 65 ? -1.956  -9.537  -2.351  1.00 81.55  ? 228 ILE A CD1 1 
ATOM   514 N N   . LEU A 1 66 ? -4.601  -9.960  2.901   1.00 86.90  ? 229 LEU A N   1 
ATOM   515 C CA  . LEU A 1 66 ? -5.046  -9.229  4.059   1.00 88.83  ? 229 LEU A CA  1 
ATOM   516 C C   . LEU A 1 66 ? -3.849  -8.434  4.462   1.00 90.78  ? 229 LEU A C   1 
ATOM   517 O O   . LEU A 1 66 ? -2.765  -9.013  4.600   1.00 91.19  ? 229 LEU A O   1 
ATOM   518 C CB  . LEU A 1 66 ? -5.427  -10.193 5.187   1.00 89.21  ? 229 LEU A CB  1 
ATOM   519 C CG  . LEU A 1 66 ? -5.832  -11.640 4.853   1.00 89.02  ? 229 LEU A CG  1 
ATOM   520 C CD1 . LEU A 1 66 ? -5.568  -12.527 6.043   1.00 89.24  ? 229 LEU A CD1 1 
ATOM   521 C CD2 . LEU A 1 66 ? -7.298  -11.709 4.438   1.00 89.39  ? 229 LEU A CD2 1 
ATOM   522 N N   . PHE A 1 67 ? -4.030  -7.134  4.671   1.00 92.94  ? 230 PHE A N   1 
ATOM   523 C CA  . PHE A 1 67 ? -2.921  -6.277  5.058   1.00 95.04  ? 230 PHE A CA  1 
ATOM   524 C C   . PHE A 1 67 ? -3.210  -5.336  6.239   1.00 96.36  ? 230 PHE A C   1 
ATOM   525 O O   . PHE A 1 67 ? -4.360  -5.034  6.566   1.00 96.79  ? 230 PHE A O   1 
ATOM   526 C CB  . PHE A 1 67 ? -2.438  -5.468  3.857   1.00 95.33  ? 230 PHE A CB  1 
ATOM   527 C CG  . PHE A 1 67 ? -3.487  -4.603  3.256   1.00 97.71  ? 230 PHE A CG  1 
ATOM   528 C CD1 . PHE A 1 67 ? -3.595  -3.244  3.620   1.00 102.30 ? 230 PHE A CD1 1 
ATOM   529 C CD2 . PHE A 1 67 ? -4.370  -5.122  2.332   1.00 99.42  ? 230 PHE A CD2 1 
ATOM   530 C CE1 . PHE A 1 67 ? -4.590  -2.394  3.053   1.00 102.93 ? 230 PHE A CE1 1 
ATOM   531 C CE2 . PHE A 1 67 ? -5.358  -4.306  1.767   1.00 101.62 ? 230 PHE A CE2 1 
ATOM   532 C CZ  . PHE A 1 67 ? -5.474  -2.933  2.127   1.00 103.02 ? 230 PHE A CZ  1 
ATOM   533 N N   . LYS A 1 68 ? -2.114  -4.878  6.844   1.00 97.65  ? 231 LYS A N   1 
ATOM   534 C CA  . LYS A 1 68 ? -2.099  -3.949  7.965   1.00 98.31  ? 231 LYS A CA  1 
ATOM   535 C C   . LYS A 1 68 ? -1.207  -2.743  7.537   1.00 98.01  ? 231 LYS A C   1 
ATOM   536 O O   . LYS A 1 68 ? -0.036  -2.920  7.172   1.00 98.13  ? 231 LYS A O   1 
ATOM   537 C CB  . LYS A 1 68 ? -1.537  -4.716  9.184   1.00 98.96  ? 231 LYS A CB  1 
ATOM   538 C CG  . LYS A 1 68 ? -1.589  -4.025  10.582  1.00 101.74 ? 231 LYS A CG  1 
ATOM   539 C CD  . LYS A 1 68 ? -0.203  -4.124  11.377  1.00 104.51 ? 231 LYS A CD  1 
ATOM   540 C CE  . LYS A 1 68 ? 0.510   -5.537  11.357  1.00 104.86 ? 231 LYS A CE  1 
ATOM   541 N NZ  . LYS A 1 68 ? 1.880   -5.613  10.657  1.00 103.34 ? 231 LYS A NZ  1 
ATOM   542 N N   . ILE A 1 69 ? -1.778  -1.535  7.525   1.00 97.47  ? 232 ILE A N   1 
ATOM   543 C CA  . ILE A 1 69 ? -1.033  -0.299  7.260   1.00 96.94  ? 232 ILE A CA  1 
ATOM   544 C C   . ILE A 1 69 ? -0.812  0.380   8.591   1.00 97.22  ? 232 ILE A C   1 
ATOM   545 O O   . ILE A 1 69 ? -1.698  0.412   9.418   1.00 97.32  ? 232 ILE A O   1 
ATOM   546 C CB  . ILE A 1 69 ? -1.820  0.639   6.311   1.00 96.54  ? 232 ILE A CB  1 
ATOM   547 C CG1 . ILE A 1 69 ? -2.229  -0.114  5.024   1.00 95.85  ? 232 ILE A CG1 1 
ATOM   548 C CG2 . ILE A 1 69 ? -1.006  1.874   6.005   1.00 96.52  ? 232 ILE A CG2 1 
ATOM   549 C CD1 . ILE A 1 69 ? -2.986  0.698   3.971   1.00 95.13  ? 232 ILE A CD1 1 
ATOM   550 N N   . ASN A 1 70 ? 0.358   0.942   8.812   1.00 97.70  ? 233 ASN A N   1 
ATOM   551 C CA  . ASN A 1 70 ? 0.654   1.504   10.113  1.00 98.05  ? 233 ASN A CA  1 
ATOM   552 C C   . ASN A 1 70 ? 1.406   2.837   9.996   1.00 98.17  ? 233 ASN A C   1 
ATOM   553 O O   . ASN A 1 70 ? 2.628   2.893   10.124  1.00 98.59  ? 233 ASN A O   1 
ATOM   554 C CB  . ASN A 1 70 ? 1.407   0.476   10.980  1.00 98.30  ? 233 ASN A CB  1 
ATOM   555 C CG  . ASN A 1 70 ? 0.569   -0.040  12.137  1.00 99.15  ? 233 ASN A CG  1 
ATOM   556 O OD1 . ASN A 1 70 ? 0.769   0.359   13.279  1.00 100.53 ? 233 ASN A OD1 1 
ATOM   557 N ND2 . ASN A 1 70 ? -0.380  -0.927  11.845  1.00 101.37 ? 233 ASN A ND2 1 
ATOM   558 N N   . GLY A 1 71 ? 0.647   3.910   9.782   1.00 98.13  ? 234 GLY A N   1 
ATOM   559 C CA  . GLY A 1 71 ? 1.180   5.266   9.720   1.00 97.95  ? 234 GLY A CA  1 
ATOM   560 C C   . GLY A 1 71 ? 1.600   5.928   11.022  1.00 97.77  ? 234 GLY A C   1 
ATOM   561 O O   . GLY A 1 71 ? 1.489   5.361   12.095  1.00 97.78  ? 234 GLY A O   1 
ATOM   562 N N   . THR A 1 72 ? 2.118   7.145   10.879  1.00 98.11  ? 235 THR A N   1 
ATOM   563 C CA  . THR A 1 72 ? 2.550   8.020   11.977  1.00 98.20  ? 235 THR A CA  1 
ATOM   564 C C   . THR A 1 72 ? 3.357   9.200   11.395  1.00 98.26  ? 235 THR A C   1 
ATOM   565 O O   . THR A 1 72 ? 4.262   9.003   10.586  1.00 98.13  ? 235 THR A O   1 
ATOM   566 C CB  . THR A 1 72 ? 3.346   7.237   13.069  1.00 98.19  ? 235 THR A CB  1 
ATOM   567 O OG1 . THR A 1 72 ? 3.889   8.136   14.038  1.00 96.65  ? 235 THR A OG1 1 
ATOM   568 C CG2 . THR A 1 72 ? 4.570   6.521   12.484  1.00 99.81  ? 235 THR A CG2 1 
ATOM   569 N N   . THR A 1 73 ? 3.011   10.416  11.822  1.00 98.95  ? 236 THR A N   1 
ATOM   570 C CA  . THR A 1 73 ? 3.572   11.676  11.287  1.00 99.12  ? 236 THR A CA  1 
ATOM   571 C C   . THR A 1 73 ? 5.087   11.857  11.524  1.00 100.60 ? 236 THR A C   1 
ATOM   572 O O   . THR A 1 73 ? 5.611   11.488  12.583  1.00 100.53 ? 236 THR A O   1 
ATOM   573 C CB  . THR A 1 73 ? 2.820   12.920  11.863  1.00 98.41  ? 236 THR A CB  1 
ATOM   574 O OG1 . THR A 1 73 ? 3.000   13.009  13.268  1.00 95.62  ? 236 THR A OG1 1 
ATOM   575 C CG2 . THR A 1 73 ? 1.342   12.802  11.710  1.00 97.78  ? 236 THR A CG2 1 
ATOM   576 N N   . GLU A 1 74 ? 5.763   12.456  10.539  1.00 102.17 ? 237 GLU A N   1 
ATOM   577 C CA  . GLU A 1 74 ? 7.207   12.647  10.578  1.00 104.05 ? 237 GLU A CA  1 
ATOM   578 C C   . GLU A 1 74 ? 7.659   13.933  11.320  1.00 106.11 ? 237 GLU A C   1 
ATOM   579 O O   . GLU A 1 74 ? 6.822   14.806  11.678  1.00 106.19 ? 237 GLU A O   1 
ATOM   580 C CB  . GLU A 1 74 ? 7.792   12.598  9.145   1.00 104.08 ? 237 GLU A CB  1 
ATOM   581 C CG  . GLU A 1 74 ? 8.113   13.941  8.444   1.00 104.70 ? 237 GLU A CG  1 
ATOM   582 C CD  . GLU A 1 74 ? 8.889   13.788  7.116   1.00 104.79 ? 237 GLU A CD  1 
ATOM   583 O OE1 . GLU A 1 74 ? 8.554   14.466  6.121   1.00 105.03 ? 237 GLU A OE1 1 
ATOM   584 O OE2 . GLU A 1 74 ? 9.843   12.991  7.047   1.00 103.57 ? 237 GLU A OE2 1 
ATOM   585 N N   . ILE A 1 75 ? 8.979   13.956  11.608  1.00 108.24 ? 238 ILE A N   1 
ATOM   586 C CA  . ILE A 1 75 ? 9.846   15.163  11.785  1.00 109.85 ? 238 ILE A CA  1 
ATOM   587 C C   . ILE A 1 75 ? 9.103   16.467  12.144  1.00 110.46 ? 238 ILE A C   1 
ATOM   588 O O   . ILE A 1 75 ? 9.098   17.442  11.389  1.00 110.12 ? 238 ILE A O   1 
ATOM   589 C CB  . ILE A 1 75 ? 10.878  15.282  10.497  1.00 110.63 ? 238 ILE A CB  1 
ATOM   590 C CG1 . ILE A 1 75 ? 12.388  15.386  10.911  1.00 111.70 ? 238 ILE A CG1 1 
ATOM   591 C CG2 . ILE A 1 75 ? 10.497  16.402  9.451   1.00 111.60 ? 238 ILE A CG2 1 
ATOM   592 C CD1 . ILE A 1 75 ? 13.434  15.151  9.736   1.00 111.01 ? 238 ILE A CD1 1 
ATOM   593 N N   . GLN A 1 76 ? 8.514   16.471  13.340  1.00 111.59 ? 239 GLN A N   1 
ATOM   594 C CA  . GLN A 1 76 ? 7.508   17.479  13.752  1.00 112.76 ? 239 GLN A CA  1 
ATOM   595 C C   . GLN A 1 76 ? 7.420   18.706  12.827  1.00 112.95 ? 239 GLN A C   1 
ATOM   596 O O   . GLN A 1 76 ? 8.170   19.680  12.979  1.00 113.37 ? 239 GLN A O   1 
ATOM   597 C CB  . GLN A 1 76 ? 7.760   17.967  15.196  1.00 113.11 ? 239 GLN A CB  1 
ATOM   598 C CG  . GLN A 1 76 ? 7.592   16.918  16.298  1.00 114.20 ? 239 GLN A CG  1 
ATOM   599 C CD  . GLN A 1 76 ? 8.882   16.687  17.109  1.00 116.29 ? 239 GLN A CD  1 
ATOM   600 O OE1 . GLN A 1 76 ? 9.437   17.630  17.708  1.00 115.55 ? 239 GLN A OE1 1 
ATOM   601 N NE2 . GLN A 1 76 ? 9.363   15.425  17.127  1.00 117.23 ? 239 GLN A NE2 1 
HETATM 602 O O   . HOH B 2 .  ? 8.285   -25.799 2.913   1.00 69.91  ? 1   HOH A O   1 
HETATM 603 O O   . HOH B 2 .  ? 4.221   -23.364 -10.344 1.00 68.70  ? 2   HOH A O   1 
HETATM 604 O O   . HOH B 2 .  ? 11.051  13.502  13.461  1.00 85.41  ? 3   HOH A O   1 
HETATM 605 O O   . HOH B 2 .  ? 5.756   -8.823  -10.411 1.00 97.01  ? 4   HOH A O   1 
HETATM 606 O O   . HOH B 2 .  ? -1.191  10.819  -7.618  1.00 114.45 ? 5   HOH A O   1 
HETATM 607 O O   . HOH B 2 .  ? 3.599   15.668  -6.421  1.00 103.33 ? 6   HOH A O   1 
HETATM 608 O O   . HOH B 2 .  ? -4.005  9.068   -12.438 1.00 121.51 ? 7   HOH A O   1 
HETATM 609 O O   . HOH B 2 .  ? 2.999   4.716   -7.373  1.00 112.78 ? 8   HOH A O   1 
HETATM 610 O O   . HOH B 2 .  ? 7.250   8.111   -0.726  1.00 94.03  ? 9   HOH A O   1 
HETATM 611 O O   . HOH B 2 .  ? -0.355  -29.222 7.735   1.00 100.57 ? 10  HOH A O   1 
HETATM 612 O O   . HOH B 2 .  ? 3.173   11.533  -1.582  1.00 98.84  ? 11  HOH A O   1 
HETATM 613 O O   . HOH B 2 .  ? 0.718   -8.439  11.419  1.00 102.46 ? 12  HOH A O   1 
HETATM 614 O O   . HOH B 2 .  ? -10.197 24.659  2.731   1.00 64.75  ? 13  HOH A O   1 
HETATM 615 O O   . HOH B 2 .  ? -0.322  8.155   -12.583 1.00 103.91 ? 14  HOH A O   1 
HETATM 616 O O   . HOH B 2 .  ? 11.543  -9.158  2.527   1.00 96.06  ? 15  HOH A O   1 
HETATM 617 O O   . HOH B 2 .  ? 1.904   -2.650  12.996  1.00 124.70 ? 16  HOH A O   1 
HETATM 618 O O   . HOH B 2 .  ? -2.708  26.710  1.312   1.00 73.78  ? 17  HOH A O   1 
HETATM 619 O O   . HOH B 2 .  ? 4.849   4.347   -5.403  1.00 94.98  ? 18  HOH A O   1 
HETATM 620 O O   . HOH B 2 .  ? -11.749 26.955  12.968  1.00 124.87 ? 19  HOH A O   1 
HETATM 621 O O   . HOH B 2 .  ? 3.947   15.337  -2.317  1.00 105.72 ? 20  HOH A O   1 
HETATM 622 O O   . HOH B 2 .  ? -15.640 18.446  4.600   1.00 90.10  ? 21  HOH A O   1 
HETATM 623 O O   . HOH B 2 .  ? 10.548  10.180  0.867   1.00 125.43 ? 22  HOH A O   1 
HETATM 624 O O   . HOH B 2 .  ? 5.441   19.308  10.923  1.00 90.50  ? 23  HOH A O   1 
HETATM 625 O O   . HOH B 2 .  ? -5.480  25.791  1.102   1.00 79.93  ? 24  HOH A O   1 
HETATM 626 O O   . HOH B 2 .  ? -1.660  -24.852 1.064   1.00 99.02  ? 25  HOH A O   1 
HETATM 627 O O   . HOH B 2 .  ? 12.305  -8.215  5.076   1.00 124.21 ? 26  HOH A O   1 
HETATM 628 O O   . HOH B 2 .  ? -14.736 22.464  7.932   1.00 84.70  ? 27  HOH A O   1 
HETATM 629 O O   . HOH B 2 .  ? 9.065   -0.299  -0.304  1.00 79.89  ? 28  HOH A O   1 
HETATM 630 O O   . HOH B 2 .  ? -2.390  6.384   -3.980  1.00 101.49 ? 29  HOH A O   1 
HETATM 631 O O   . HOH B 2 .  ? -3.264  9.701   -5.442  1.00 109.89 ? 30  HOH A O   1 
HETATM 632 O O   . HOH B 2 .  ? 10.474  18.412  13.369  1.00 104.31 ? 31  HOH A O   1 
# 
loop_
_pdbx_poly_seq_scheme.asym_id 
_pdbx_poly_seq_scheme.entity_id 
_pdbx_poly_seq_scheme.seq_id 
_pdbx_poly_seq_scheme.mon_id 
_pdbx_poly_seq_scheme.ndb_seq_num 
_pdbx_poly_seq_scheme.pdb_seq_num 
_pdbx_poly_seq_scheme.auth_seq_num 
_pdbx_poly_seq_scheme.pdb_mon_id 
_pdbx_poly_seq_scheme.auth_mon_id 
_pdbx_poly_seq_scheme.pdb_strand_id 
_pdbx_poly_seq_scheme.pdb_ins_code 
_pdbx_poly_seq_scheme.hetero 
A 1 1  PRO 1  164 164 PRO PRO A . n 
A 1 2  ALA 2  165 165 ALA ALA A . n 
A 1 3  ARG 3  166 166 ARG ARG A . n 
A 1 4  ALA 4  167 167 ALA ALA A . n 
A 1 5  GLN 5  168 168 GLN GLN A . n 
A 1 6  ALA 6  169 169 ALA ALA A . n 
A 1 7  LEU 7  170 170 LEU LEU A . n 
A 1 8  ARG 8  171 171 ARG ARG A . n 
A 1 9  ILE 9  172 172 ILE ILE A . n 
A 1 10 GLU 10 173 173 GLU GLU A . n 
A 1 11 GLY 11 174 174 GLY GLY A . n 
A 1 12 GLN 12 175 175 GLN GLN A . n 
A 1 13 VAL 13 176 176 VAL VAL A . n 
A 1 14 LYS 14 177 177 LYS LYS A . n 
A 1 15 VAL 15 178 178 VAL VAL A . n 
A 1 16 LYS 16 179 179 LYS LYS A . n 
A 1 17 PHE 17 180 180 PHE PHE A . n 
A 1 18 ASP 18 181 181 ASP ASP A . n 
A 1 19 VAL 19 182 182 VAL VAL A . n 
A 1 20 THR 20 183 183 THR THR A . n 
A 1 21 PRO 21 184 184 PRO PRO A . n 
A 1 22 ASP 22 185 185 ASP ASP A . n 
A 1 23 GLY 23 186 186 GLY GLY A . n 
A 1 24 ARG 24 187 187 ARG ARG A . n 
A 1 25 VAL 25 188 188 VAL VAL A . n 
A 1 26 ASP 26 189 189 ASP ASP A . n 
A 1 27 ASN 27 190 190 ASN ASN A . n 
A 1 28 VAL 28 191 191 VAL VAL A . n 
A 1 29 GLN 29 192 192 GLN GLN A . n 
A 1 30 ILE 30 193 193 ILE ILE A . n 
A 1 31 LEU 31 194 194 LEU LEU A . n 
A 1 32 SER 32 195 195 SER SER A . n 
A 1 33 ALA 33 196 196 ALA ALA A . n 
A 1 34 LYS 34 197 197 LYS LYS A . n 
A 1 35 PRO 35 198 198 PRO PRO A . n 
A 1 36 ALA 36 199 199 ALA ALA A . n 
A 1 37 ASN 37 200 200 ASN ASN A . n 
A 1 38 MET 38 201 201 MET MET A . n 
A 1 39 PHE 39 202 202 PHE PHE A . n 
A 1 40 GLU 40 203 203 GLU GLU A . n 
A 1 41 ARG 41 204 204 ARG ARG A . n 
A 1 42 GLU 42 205 205 GLU GLU A . n 
A 1 43 VAL 43 206 206 VAL VAL A . n 
A 1 44 LYS 44 207 207 LYS LYS A . n 
A 1 45 ASN 45 208 208 ASN ASN A . n 
A 1 46 ALA 46 209 209 ALA ALA A . n 
A 1 47 MET 47 210 210 MET MET A . n 
A 1 48 ARG 48 211 211 ARG ARG A . n 
A 1 49 ARG 49 212 212 ARG ARG A . n 
A 1 50 TRP 50 213 213 TRP TRP A . n 
A 1 51 ARG 51 214 214 ARG ARG A . n 
A 1 52 TYR 52 215 215 TYR TYR A . n 
A 1 53 GLU 53 216 216 GLU GLU A . n 
A 1 54 PRO 54 217 217 PRO PRO A . n 
A 1 55 GLY 55 218 218 GLY GLY A . n 
A 1 56 LYS 56 219 219 LYS LYS A . n 
A 1 57 PRO 57 220 220 PRO PRO A . n 
A 1 58 GLY 58 221 221 GLY GLY A . n 
A 1 59 SER 59 222 222 SER SER A . n 
A 1 60 GLY 60 223 223 GLY GLY A . n 
A 1 61 ILE 61 224 224 ILE ILE A . n 
A 1 62 VAL 62 225 225 VAL VAL A . n 
A 1 63 VAL 63 226 226 VAL VAL A . n 
A 1 64 ASN 64 227 227 ASN ASN A . n 
A 1 65 ILE 65 228 228 ILE ILE A . n 
A 1 66 LEU 66 229 229 LEU LEU A . n 
A 1 67 PHE 67 230 230 PHE PHE A . n 
A 1 68 LYS 68 231 231 LYS LYS A . n 
A 1 69 ILE 69 232 232 ILE ILE A . n 
A 1 70 ASN 70 233 233 ASN ASN A . n 
A 1 71 GLY 71 234 234 GLY GLY A . n 
A 1 72 THR 72 235 235 THR THR A . n 
A 1 73 THR 73 236 236 THR THR A . n 
A 1 74 GLU 74 237 237 GLU GLU A . n 
A 1 75 ILE 75 238 238 ILE ILE A . n 
A 1 76 GLN 76 239 239 GLN GLN A . n 
# 
loop_
_pdbx_nonpoly_scheme.asym_id 
_pdbx_nonpoly_scheme.entity_id 
_pdbx_nonpoly_scheme.mon_id 
_pdbx_nonpoly_scheme.ndb_seq_num 
_pdbx_nonpoly_scheme.pdb_seq_num 
_pdbx_nonpoly_scheme.auth_seq_num 
_pdbx_nonpoly_scheme.pdb_mon_id 
_pdbx_nonpoly_scheme.auth_mon_id 
_pdbx_nonpoly_scheme.pdb_strand_id 
_pdbx_nonpoly_scheme.pdb_ins_code 
B 2 HOH 1  1  1  HOH HOH A . 
B 2 HOH 2  2  2  HOH HOH A . 
B 2 HOH 3  3  3  HOH HOH A . 
B 2 HOH 4  4  4  HOH HOH A . 
B 2 HOH 5  5  5  HOH HOH A . 
B 2 HOH 6  6  6  HOH HOH A . 
B 2 HOH 7  7  7  HOH HOH A . 
B 2 HOH 8  8  8  HOH HOH A . 
B 2 HOH 9  9  9  HOH HOH A . 
B 2 HOH 10 10 10 HOH HOH A . 
B 2 HOH 11 11 11 HOH HOH A . 
B 2 HOH 12 12 12 HOH HOH A . 
B 2 HOH 13 13 13 HOH HOH A . 
B 2 HOH 14 14 14 HOH HOH A . 
B 2 HOH 15 15 15 HOH HOH A . 
B 2 HOH 16 16 16 HOH HOH A . 
B 2 HOH 17 17 17 HOH HOH A . 
B 2 HOH 18 18 18 HOH HOH A . 
B 2 HOH 19 19 19 HOH HOH A . 
B 2 HOH 20 20 20 HOH HOH A . 
B 2 HOH 21 21 21 HOH HOH A . 
B 2 HOH 22 22 22 HOH HOH A . 
B 2 HOH 23 23 23 HOH HOH A . 
B 2 HOH 24 24 24 HOH HOH A . 
B 2 HOH 25 25 25 HOH HOH A . 
B 2 HOH 26 26 26 HOH HOH A . 
B 2 HOH 27 27 27 HOH HOH A . 
B 2 HOH 28 28 28 HOH HOH A . 
B 2 HOH 29 29 29 HOH HOH A . 
B 2 HOH 30 30 30 HOH HOH A . 
B 2 HOH 31 31 31 HOH HOH A . 
# 
_pdbx_struct_assembly.id                   1 
_pdbx_struct_assembly.details              author_and_software_defined_assembly 
_pdbx_struct_assembly.method_details       PISA,PQS 
_pdbx_struct_assembly.oligomeric_details   dimeric 
_pdbx_struct_assembly.oligomeric_count     2 
# 
_pdbx_struct_assembly_gen.assembly_id       1 
_pdbx_struct_assembly_gen.oper_expression   1,2 
_pdbx_struct_assembly_gen.asym_id_list      A,B 
# 
loop_
_pdbx_struct_assembly_prop.biol_id 
_pdbx_struct_assembly_prop.type 
_pdbx_struct_assembly_prop.value 
_pdbx_struct_assembly_prop.details 
1 'ABSA (A^2)' 6230  ? 
1 MORE         -41   ? 
1 'SSA (A^2)'  10360 ? 
# 
loop_
_pdbx_struct_oper_list.id 
_pdbx_struct_oper_list.type 
_pdbx_struct_oper_list.name 
_pdbx_struct_oper_list.symmetry_operation 
_pdbx_struct_oper_list.matrix[1][1] 
_pdbx_struct_oper_list.matrix[1][2] 
_pdbx_struct_oper_list.matrix[1][3] 
_pdbx_struct_oper_list.vector[1] 
_pdbx_struct_oper_list.matrix[2][1] 
_pdbx_struct_oper_list.matrix[2][2] 
_pdbx_struct_oper_list.matrix[2][3] 
_pdbx_struct_oper_list.vector[2] 
_pdbx_struct_oper_list.matrix[3][1] 
_pdbx_struct_oper_list.matrix[3][2] 
_pdbx_struct_oper_list.matrix[3][3] 
_pdbx_struct_oper_list.vector[3] 
1 'identity operation'         1_555 x,y,z       1.0000000000  0.0000000000  0.0000000000 0.0000000000  0.0000000000  1.0000000000  0.0000000000  0.0000000000 0.0000000000 0.0000000000  1.0000000000 0.0000000000 
2 'crystal symmetry operation' 4_675 -x+1,-y+2,z -0.6736398566 -0.3207826024 0.6658136868 -3.5563587026 -0.3207826024 -0.6846996176 -0.6544348368 2.2213699009 0.6658136868 -0.6544348368 0.3583394742 2.8134455494 
# 
loop_
_pdbx_audit_revision_history.ordinal 
_pdbx_audit_revision_history.data_content_type 
_pdbx_audit_revision_history.major_revision 
_pdbx_audit_revision_history.minor_revision 
_pdbx_audit_revision_history.revision_date 
1 'Structure model' 1 0 2004-04-06 
2 'Structure model' 1 1 2008-04-29 
3 'Structure model' 1 2 2011-07-13 
4 'Structure model' 1 3 2023-08-23 
# 
_pdbx_audit_revision_details.ordinal             1 
_pdbx_audit_revision_details.revision_ordinal    1 
_pdbx_audit_revision_details.data_content_type   'Structure model' 
_pdbx_audit_revision_details.provider            repository 
_pdbx_audit_revision_details.type                'Initial release' 
_pdbx_audit_revision_details.description         ? 
_pdbx_audit_revision_details.details             ? 
# 
loop_
_pdbx_audit_revision_group.ordinal 
_pdbx_audit_revision_group.revision_ordinal 
_pdbx_audit_revision_group.data_content_type 
_pdbx_audit_revision_group.group 
1 2 'Structure model' 'Version format compliance' 
2 3 'Structure model' 'Derived calculations'      
3 3 'Structure model' 'Version format compliance' 
4 4 'Structure model' 'Data collection'           
5 4 'Structure model' 'Database references'       
6 4 'Structure model' 'Refinement description'    
# 
loop_
_pdbx_audit_revision_category.ordinal 
_pdbx_audit_revision_category.revision_ordinal 
_pdbx_audit_revision_category.data_content_type 
_pdbx_audit_revision_category.category 
1 4 'Structure model' chem_comp_atom                
2 4 'Structure model' chem_comp_bond                
3 4 'Structure model' database_2                    
4 4 'Structure model' pdbx_initial_refinement_model 
# 
loop_
_pdbx_audit_revision_item.ordinal 
_pdbx_audit_revision_item.revision_ordinal 
_pdbx_audit_revision_item.data_content_type 
_pdbx_audit_revision_item.item 
1 4 'Structure model' '_database_2.pdbx_DOI'                
2 4 'Structure model' '_database_2.pdbx_database_accession' 
# 
loop_
_software.name 
_software.classification 
_software.version 
_software.citation_id 
_software.pdbx_ordinal 
XDS    'data scaling'   .   ? 1 
XDS    'data reduction' .   ? 2 
MOLREP phasing          .   ? 3 
REFMAC refinement       5.1 ? 4 
# 
_pdbx_validate_close_contact.id               1 
_pdbx_validate_close_contact.PDB_model_num    1 
_pdbx_validate_close_contact.auth_atom_id_1   O 
_pdbx_validate_close_contact.auth_asym_id_1   A 
_pdbx_validate_close_contact.auth_comp_id_1   LYS 
_pdbx_validate_close_contact.auth_seq_id_1    219 
_pdbx_validate_close_contact.PDB_ins_code_1   ? 
_pdbx_validate_close_contact.label_alt_id_1   ? 
_pdbx_validate_close_contact.auth_atom_id_2   O 
_pdbx_validate_close_contact.auth_asym_id_2   A 
_pdbx_validate_close_contact.auth_comp_id_2   HOH 
_pdbx_validate_close_contact.auth_seq_id_2    2 
_pdbx_validate_close_contact.PDB_ins_code_2   ? 
_pdbx_validate_close_contact.label_alt_id_2   ? 
_pdbx_validate_close_contact.dist             2.08 
# 
_pdbx_validate_rmsd_angle.id                         1 
_pdbx_validate_rmsd_angle.PDB_model_num              1 
_pdbx_validate_rmsd_angle.auth_atom_id_1             CB 
_pdbx_validate_rmsd_angle.auth_asym_id_1             A 
_pdbx_validate_rmsd_angle.auth_comp_id_1             ASP 
_pdbx_validate_rmsd_angle.auth_seq_id_1              185 
_pdbx_validate_rmsd_angle.PDB_ins_code_1             ? 
_pdbx_validate_rmsd_angle.label_alt_id_1             ? 
_pdbx_validate_rmsd_angle.auth_atom_id_2             CG 
_pdbx_validate_rmsd_angle.auth_asym_id_2             A 
_pdbx_validate_rmsd_angle.auth_comp_id_2             ASP 
_pdbx_validate_rmsd_angle.auth_seq_id_2              185 
_pdbx_validate_rmsd_angle.PDB_ins_code_2             ? 
_pdbx_validate_rmsd_angle.label_alt_id_2             ? 
_pdbx_validate_rmsd_angle.auth_atom_id_3             OD2 
_pdbx_validate_rmsd_angle.auth_asym_id_3             A 
_pdbx_validate_rmsd_angle.auth_comp_id_3             ASP 
_pdbx_validate_rmsd_angle.auth_seq_id_3              185 
_pdbx_validate_rmsd_angle.PDB_ins_code_3             ? 
_pdbx_validate_rmsd_angle.label_alt_id_3             ? 
_pdbx_validate_rmsd_angle.angle_value                125.21 
_pdbx_validate_rmsd_angle.angle_target_value         118.30 
_pdbx_validate_rmsd_angle.angle_deviation            6.91 
_pdbx_validate_rmsd_angle.angle_standard_deviation   0.90 
_pdbx_validate_rmsd_angle.linker_flag                N 
# 
loop_
_pdbx_validate_torsion.id 
_pdbx_validate_torsion.PDB_model_num 
_pdbx_validate_torsion.auth_comp_id 
_pdbx_validate_torsion.auth_asym_id 
_pdbx_validate_torsion.auth_seq_id 
_pdbx_validate_torsion.PDB_ins_code 
_pdbx_validate_torsion.label_alt_id 
_pdbx_validate_torsion.phi 
_pdbx_validate_torsion.psi 
1 1 VAL A 176 ? ? -175.02 141.26 
2 1 PRO A 198 ? ? -32.58  126.24 
3 1 ALA A 199 ? ? -22.92  -55.17 
4 1 ASN A 200 ? ? -67.88  95.87  
5 1 THR A 235 ? ? 168.13  131.44 
6 1 ILE A 238 ? ? 21.96   66.22  
# 
loop_
_chem_comp_atom.comp_id 
_chem_comp_atom.atom_id 
_chem_comp_atom.type_symbol 
_chem_comp_atom.pdbx_aromatic_flag 
_chem_comp_atom.pdbx_stereo_config 
_chem_comp_atom.pdbx_ordinal 
ALA N    N N N 1   
ALA CA   C N S 2   
ALA C    C N N 3   
ALA O    O N N 4   
ALA CB   C N N 5   
ALA OXT  O N N 6   
ALA H    H N N 7   
ALA H2   H N N 8   
ALA HA   H N N 9   
ALA HB1  H N N 10  
ALA HB2  H N N 11  
ALA HB3  H N N 12  
ALA HXT  H N N 13  
ARG N    N N N 14  
ARG CA   C N S 15  
ARG C    C N N 16  
ARG O    O N N 17  
ARG CB   C N N 18  
ARG CG   C N N 19  
ARG CD   C N N 20  
ARG NE   N N N 21  
ARG CZ   C N N 22  
ARG NH1  N N N 23  
ARG NH2  N N N 24  
ARG OXT  O N N 25  
ARG H    H N N 26  
ARG H2   H N N 27  
ARG HA   H N N 28  
ARG HB2  H N N 29  
ARG HB3  H N N 30  
ARG HG2  H N N 31  
ARG HG3  H N N 32  
ARG HD2  H N N 33  
ARG HD3  H N N 34  
ARG HE   H N N 35  
ARG HH11 H N N 36  
ARG HH12 H N N 37  
ARG HH21 H N N 38  
ARG HH22 H N N 39  
ARG HXT  H N N 40  
ASN N    N N N 41  
ASN CA   C N S 42  
ASN C    C N N 43  
ASN O    O N N 44  
ASN CB   C N N 45  
ASN CG   C N N 46  
ASN OD1  O N N 47  
ASN ND2  N N N 48  
ASN OXT  O N N 49  
ASN H    H N N 50  
ASN H2   H N N 51  
ASN HA   H N N 52  
ASN HB2  H N N 53  
ASN HB3  H N N 54  
ASN HD21 H N N 55  
ASN HD22 H N N 56  
ASN HXT  H N N 57  
ASP N    N N N 58  
ASP CA   C N S 59  
ASP C    C N N 60  
ASP O    O N N 61  
ASP CB   C N N 62  
ASP CG   C N N 63  
ASP OD1  O N N 64  
ASP OD2  O N N 65  
ASP OXT  O N N 66  
ASP H    H N N 67  
ASP H2   H N N 68  
ASP HA   H N N 69  
ASP HB2  H N N 70  
ASP HB3  H N N 71  
ASP HD2  H N N 72  
ASP HXT  H N N 73  
GLN N    N N N 74  
GLN CA   C N S 75  
GLN C    C N N 76  
GLN O    O N N 77  
GLN CB   C N N 78  
GLN CG   C N N 79  
GLN CD   C N N 80  
GLN OE1  O N N 81  
GLN NE2  N N N 82  
GLN OXT  O N N 83  
GLN H    H N N 84  
GLN H2   H N N 85  
GLN HA   H N N 86  
GLN HB2  H N N 87  
GLN HB3  H N N 88  
GLN HG2  H N N 89  
GLN HG3  H N N 90  
GLN HE21 H N N 91  
GLN HE22 H N N 92  
GLN HXT  H N N 93  
GLU N    N N N 94  
GLU CA   C N S 95  
GLU C    C N N 96  
GLU O    O N N 97  
GLU CB   C N N 98  
GLU CG   C N N 99  
GLU CD   C N N 100 
GLU OE1  O N N 101 
GLU OE2  O N N 102 
GLU OXT  O N N 103 
GLU H    H N N 104 
GLU H2   H N N 105 
GLU HA   H N N 106 
GLU HB2  H N N 107 
GLU HB3  H N N 108 
GLU HG2  H N N 109 
GLU HG3  H N N 110 
GLU HE2  H N N 111 
GLU HXT  H N N 112 
GLY N    N N N 113 
GLY CA   C N N 114 
GLY C    C N N 115 
GLY O    O N N 116 
GLY OXT  O N N 117 
GLY H    H N N 118 
GLY H2   H N N 119 
GLY HA2  H N N 120 
GLY HA3  H N N 121 
GLY HXT  H N N 122 
HOH O    O N N 123 
HOH H1   H N N 124 
HOH H2   H N N 125 
ILE N    N N N 126 
ILE CA   C N S 127 
ILE C    C N N 128 
ILE O    O N N 129 
ILE CB   C N S 130 
ILE CG1  C N N 131 
ILE CG2  C N N 132 
ILE CD1  C N N 133 
ILE OXT  O N N 134 
ILE H    H N N 135 
ILE H2   H N N 136 
ILE HA   H N N 137 
ILE HB   H N N 138 
ILE HG12 H N N 139 
ILE HG13 H N N 140 
ILE HG21 H N N 141 
ILE HG22 H N N 142 
ILE HG23 H N N 143 
ILE HD11 H N N 144 
ILE HD12 H N N 145 
ILE HD13 H N N 146 
ILE HXT  H N N 147 
LEU N    N N N 148 
LEU CA   C N S 149 
LEU C    C N N 150 
LEU O    O N N 151 
LEU CB   C N N 152 
LEU CG   C N N 153 
LEU CD1  C N N 154 
LEU CD2  C N N 155 
LEU OXT  O N N 156 
LEU H    H N N 157 
LEU H2   H N N 158 
LEU HA   H N N 159 
LEU HB2  H N N 160 
LEU HB3  H N N 161 
LEU HG   H N N 162 
LEU HD11 H N N 163 
LEU HD12 H N N 164 
LEU HD13 H N N 165 
LEU HD21 H N N 166 
LEU HD22 H N N 167 
LEU HD23 H N N 168 
LEU HXT  H N N 169 
LYS N    N N N 170 
LYS CA   C N S 171 
LYS C    C N N 172 
LYS O    O N N 173 
LYS CB   C N N 174 
LYS CG   C N N 175 
LYS CD   C N N 176 
LYS CE   C N N 177 
LYS NZ   N N N 178 
LYS OXT  O N N 179 
LYS H    H N N 180 
LYS H2   H N N 181 
LYS HA   H N N 182 
LYS HB2  H N N 183 
LYS HB3  H N N 184 
LYS HG2  H N N 185 
LYS HG3  H N N 186 
LYS HD2  H N N 187 
LYS HD3  H N N 188 
LYS HE2  H N N 189 
LYS HE3  H N N 190 
LYS HZ1  H N N 191 
LYS HZ2  H N N 192 
LYS HZ3  H N N 193 
LYS HXT  H N N 194 
MET N    N N N 195 
MET CA   C N S 196 
MET C    C N N 197 
MET O    O N N 198 
MET CB   C N N 199 
MET CG   C N N 200 
MET SD   S N N 201 
MET CE   C N N 202 
MET OXT  O N N 203 
MET H    H N N 204 
MET H2   H N N 205 
MET HA   H N N 206 
MET HB2  H N N 207 
MET HB3  H N N 208 
MET HG2  H N N 209 
MET HG3  H N N 210 
MET HE1  H N N 211 
MET HE2  H N N 212 
MET HE3  H N N 213 
MET HXT  H N N 214 
PHE N    N N N 215 
PHE CA   C N S 216 
PHE C    C N N 217 
PHE O    O N N 218 
PHE CB   C N N 219 
PHE CG   C Y N 220 
PHE CD1  C Y N 221 
PHE CD2  C Y N 222 
PHE CE1  C Y N 223 
PHE CE2  C Y N 224 
PHE CZ   C Y N 225 
PHE OXT  O N N 226 
PHE H    H N N 227 
PHE H2   H N N 228 
PHE HA   H N N 229 
PHE HB2  H N N 230 
PHE HB3  H N N 231 
PHE HD1  H N N 232 
PHE HD2  H N N 233 
PHE HE1  H N N 234 
PHE HE2  H N N 235 
PHE HZ   H N N 236 
PHE HXT  H N N 237 
PRO N    N N N 238 
PRO CA   C N S 239 
PRO C    C N N 240 
PRO O    O N N 241 
PRO CB   C N N 242 
PRO CG   C N N 243 
PRO CD   C N N 244 
PRO OXT  O N N 245 
PRO H    H N N 246 
PRO HA   H N N 247 
PRO HB2  H N N 248 
PRO HB3  H N N 249 
PRO HG2  H N N 250 
PRO HG3  H N N 251 
PRO HD2  H N N 252 
PRO HD3  H N N 253 
PRO HXT  H N N 254 
SER N    N N N 255 
SER CA   C N S 256 
SER C    C N N 257 
SER O    O N N 258 
SER CB   C N N 259 
SER OG   O N N 260 
SER OXT  O N N 261 
SER H    H N N 262 
SER H2   H N N 263 
SER HA   H N N 264 
SER HB2  H N N 265 
SER HB3  H N N 266 
SER HG   H N N 267 
SER HXT  H N N 268 
THR N    N N N 269 
THR CA   C N S 270 
THR C    C N N 271 
THR O    O N N 272 
THR CB   C N R 273 
THR OG1  O N N 274 
THR CG2  C N N 275 
THR OXT  O N N 276 
THR H    H N N 277 
THR H2   H N N 278 
THR HA   H N N 279 
THR HB   H N N 280 
THR HG1  H N N 281 
THR HG21 H N N 282 
THR HG22 H N N 283 
THR HG23 H N N 284 
THR HXT  H N N 285 
TRP N    N N N 286 
TRP CA   C N S 287 
TRP C    C N N 288 
TRP O    O N N 289 
TRP CB   C N N 290 
TRP CG   C Y N 291 
TRP CD1  C Y N 292 
TRP CD2  C Y N 293 
TRP NE1  N Y N 294 
TRP CE2  C Y N 295 
TRP CE3  C Y N 296 
TRP CZ2  C Y N 297 
TRP CZ3  C Y N 298 
TRP CH2  C Y N 299 
TRP OXT  O N N 300 
TRP H    H N N 301 
TRP H2   H N N 302 
TRP HA   H N N 303 
TRP HB2  H N N 304 
TRP HB3  H N N 305 
TRP HD1  H N N 306 
TRP HE1  H N N 307 
TRP HE3  H N N 308 
TRP HZ2  H N N 309 
TRP HZ3  H N N 310 
TRP HH2  H N N 311 
TRP HXT  H N N 312 
TYR N    N N N 313 
TYR CA   C N S 314 
TYR C    C N N 315 
TYR O    O N N 316 
TYR CB   C N N 317 
TYR CG   C Y N 318 
TYR CD1  C Y N 319 
TYR CD2  C Y N 320 
TYR CE1  C Y N 321 
TYR CE2  C Y N 322 
TYR CZ   C Y N 323 
TYR OH   O N N 324 
TYR OXT  O N N 325 
TYR H    H N N 326 
TYR H2   H N N 327 
TYR HA   H N N 328 
TYR HB2  H N N 329 
TYR HB3  H N N 330 
TYR HD1  H N N 331 
TYR HD2  H N N 332 
TYR HE1  H N N 333 
TYR HE2  H N N 334 
TYR HH   H N N 335 
TYR HXT  H N N 336 
VAL N    N N N 337 
VAL CA   C N S 338 
VAL C    C N N 339 
VAL O    O N N 340 
VAL CB   C N N 341 
VAL CG1  C N N 342 
VAL CG2  C N N 343 
VAL OXT  O N N 344 
VAL H    H N N 345 
VAL H2   H N N 346 
VAL HA   H N N 347 
VAL HB   H N N 348 
VAL HG11 H N N 349 
VAL HG12 H N N 350 
VAL HG13 H N N 351 
VAL HG21 H N N 352 
VAL HG22 H N N 353 
VAL HG23 H N N 354 
VAL HXT  H N N 355 
# 
loop_
_chem_comp_bond.comp_id 
_chem_comp_bond.atom_id_1 
_chem_comp_bond.atom_id_2 
_chem_comp_bond.value_order 
_chem_comp_bond.pdbx_aromatic_flag 
_chem_comp_bond.pdbx_stereo_config 
_chem_comp_bond.pdbx_ordinal 
ALA N   CA   sing N N 1   
ALA N   H    sing N N 2   
ALA N   H2   sing N N 3   
ALA CA  C    sing N N 4   
ALA CA  CB   sing N N 5   
ALA CA  HA   sing N N 6   
ALA C   O    doub N N 7   
ALA C   OXT  sing N N 8   
ALA CB  HB1  sing N N 9   
ALA CB  HB2  sing N N 10  
ALA CB  HB3  sing N N 11  
ALA OXT HXT  sing N N 12  
ARG N   CA   sing N N 13  
ARG N   H    sing N N 14  
ARG N   H2   sing N N 15  
ARG CA  C    sing N N 16  
ARG CA  CB   sing N N 17  
ARG CA  HA   sing N N 18  
ARG C   O    doub N N 19  
ARG C   OXT  sing N N 20  
ARG CB  CG   sing N N 21  
ARG CB  HB2  sing N N 22  
ARG CB  HB3  sing N N 23  
ARG CG  CD   sing N N 24  
ARG CG  HG2  sing N N 25  
ARG CG  HG3  sing N N 26  
ARG CD  NE   sing N N 27  
ARG CD  HD2  sing N N 28  
ARG CD  HD3  sing N N 29  
ARG NE  CZ   sing N N 30  
ARG NE  HE   sing N N 31  
ARG CZ  NH1  sing N N 32  
ARG CZ  NH2  doub N N 33  
ARG NH1 HH11 sing N N 34  
ARG NH1 HH12 sing N N 35  
ARG NH2 HH21 sing N N 36  
ARG NH2 HH22 sing N N 37  
ARG OXT HXT  sing N N 38  
ASN N   CA   sing N N 39  
ASN N   H    sing N N 40  
ASN N   H2   sing N N 41  
ASN CA  C    sing N N 42  
ASN CA  CB   sing N N 43  
ASN CA  HA   sing N N 44  
ASN C   O    doub N N 45  
ASN C   OXT  sing N N 46  
ASN CB  CG   sing N N 47  
ASN CB  HB2  sing N N 48  
ASN CB  HB3  sing N N 49  
ASN CG  OD1  doub N N 50  
ASN CG  ND2  sing N N 51  
ASN ND2 HD21 sing N N 52  
ASN ND2 HD22 sing N N 53  
ASN OXT HXT  sing N N 54  
ASP N   CA   sing N N 55  
ASP N   H    sing N N 56  
ASP N   H2   sing N N 57  
ASP CA  C    sing N N 58  
ASP CA  CB   sing N N 59  
ASP CA  HA   sing N N 60  
ASP C   O    doub N N 61  
ASP C   OXT  sing N N 62  
ASP CB  CG   sing N N 63  
ASP CB  HB2  sing N N 64  
ASP CB  HB3  sing N N 65  
ASP CG  OD1  doub N N 66  
ASP CG  OD2  sing N N 67  
ASP OD2 HD2  sing N N 68  
ASP OXT HXT  sing N N 69  
GLN N   CA   sing N N 70  
GLN N   H    sing N N 71  
GLN N   H2   sing N N 72  
GLN CA  C    sing N N 73  
GLN CA  CB   sing N N 74  
GLN CA  HA   sing N N 75  
GLN C   O    doub N N 76  
GLN C   OXT  sing N N 77  
GLN CB  CG   sing N N 78  
GLN CB  HB2  sing N N 79  
GLN CB  HB3  sing N N 80  
GLN CG  CD   sing N N 81  
GLN CG  HG2  sing N N 82  
GLN CG  HG3  sing N N 83  
GLN CD  OE1  doub N N 84  
GLN CD  NE2  sing N N 85  
GLN NE2 HE21 sing N N 86  
GLN NE2 HE22 sing N N 87  
GLN OXT HXT  sing N N 88  
GLU N   CA   sing N N 89  
GLU N   H    sing N N 90  
GLU N   H2   sing N N 91  
GLU CA  C    sing N N 92  
GLU CA  CB   sing N N 93  
GLU CA  HA   sing N N 94  
GLU C   O    doub N N 95  
GLU C   OXT  sing N N 96  
GLU CB  CG   sing N N 97  
GLU CB  HB2  sing N N 98  
GLU CB  HB3  sing N N 99  
GLU CG  CD   sing N N 100 
GLU CG  HG2  sing N N 101 
GLU CG  HG3  sing N N 102 
GLU CD  OE1  doub N N 103 
GLU CD  OE2  sing N N 104 
GLU OE2 HE2  sing N N 105 
GLU OXT HXT  sing N N 106 
GLY N   CA   sing N N 107 
GLY N   H    sing N N 108 
GLY N   H2   sing N N 109 
GLY CA  C    sing N N 110 
GLY CA  HA2  sing N N 111 
GLY CA  HA3  sing N N 112 
GLY C   O    doub N N 113 
GLY C   OXT  sing N N 114 
GLY OXT HXT  sing N N 115 
HOH O   H1   sing N N 116 
HOH O   H2   sing N N 117 
ILE N   CA   sing N N 118 
ILE N   H    sing N N 119 
ILE N   H2   sing N N 120 
ILE CA  C    sing N N 121 
ILE CA  CB   sing N N 122 
ILE CA  HA   sing N N 123 
ILE C   O    doub N N 124 
ILE C   OXT  sing N N 125 
ILE CB  CG1  sing N N 126 
ILE CB  CG2  sing N N 127 
ILE CB  HB   sing N N 128 
ILE CG1 CD1  sing N N 129 
ILE CG1 HG12 sing N N 130 
ILE CG1 HG13 sing N N 131 
ILE CG2 HG21 sing N N 132 
ILE CG2 HG22 sing N N 133 
ILE CG2 HG23 sing N N 134 
ILE CD1 HD11 sing N N 135 
ILE CD1 HD12 sing N N 136 
ILE CD1 HD13 sing N N 137 
ILE OXT HXT  sing N N 138 
LEU N   CA   sing N N 139 
LEU N   H    sing N N 140 
LEU N   H2   sing N N 141 
LEU CA  C    sing N N 142 
LEU CA  CB   sing N N 143 
LEU CA  HA   sing N N 144 
LEU C   O    doub N N 145 
LEU C   OXT  sing N N 146 
LEU CB  CG   sing N N 147 
LEU CB  HB2  sing N N 148 
LEU CB  HB3  sing N N 149 
LEU CG  CD1  sing N N 150 
LEU CG  CD2  sing N N 151 
LEU CG  HG   sing N N 152 
LEU CD1 HD11 sing N N 153 
LEU CD1 HD12 sing N N 154 
LEU CD1 HD13 sing N N 155 
LEU CD2 HD21 sing N N 156 
LEU CD2 HD22 sing N N 157 
LEU CD2 HD23 sing N N 158 
LEU OXT HXT  sing N N 159 
LYS N   CA   sing N N 160 
LYS N   H    sing N N 161 
LYS N   H2   sing N N 162 
LYS CA  C    sing N N 163 
LYS CA  CB   sing N N 164 
LYS CA  HA   sing N N 165 
LYS C   O    doub N N 166 
LYS C   OXT  sing N N 167 
LYS CB  CG   sing N N 168 
LYS CB  HB2  sing N N 169 
LYS CB  HB3  sing N N 170 
LYS CG  CD   sing N N 171 
LYS CG  HG2  sing N N 172 
LYS CG  HG3  sing N N 173 
LYS CD  CE   sing N N 174 
LYS CD  HD2  sing N N 175 
LYS CD  HD3  sing N N 176 
LYS CE  NZ   sing N N 177 
LYS CE  HE2  sing N N 178 
LYS CE  HE3  sing N N 179 
LYS NZ  HZ1  sing N N 180 
LYS NZ  HZ2  sing N N 181 
LYS NZ  HZ3  sing N N 182 
LYS OXT HXT  sing N N 183 
MET N   CA   sing N N 184 
MET N   H    sing N N 185 
MET N   H2   sing N N 186 
MET CA  C    sing N N 187 
MET CA  CB   sing N N 188 
MET CA  HA   sing N N 189 
MET C   O    doub N N 190 
MET C   OXT  sing N N 191 
MET CB  CG   sing N N 192 
MET CB  HB2  sing N N 193 
MET CB  HB3  sing N N 194 
MET CG  SD   sing N N 195 
MET CG  HG2  sing N N 196 
MET CG  HG3  sing N N 197 
MET SD  CE   sing N N 198 
MET CE  HE1  sing N N 199 
MET CE  HE2  sing N N 200 
MET CE  HE3  sing N N 201 
MET OXT HXT  sing N N 202 
PHE N   CA   sing N N 203 
PHE N   H    sing N N 204 
PHE N   H2   sing N N 205 
PHE CA  C    sing N N 206 
PHE CA  CB   sing N N 207 
PHE CA  HA   sing N N 208 
PHE C   O    doub N N 209 
PHE C   OXT  sing N N 210 
PHE CB  CG   sing N N 211 
PHE CB  HB2  sing N N 212 
PHE CB  HB3  sing N N 213 
PHE CG  CD1  doub Y N 214 
PHE CG  CD2  sing Y N 215 
PHE CD1 CE1  sing Y N 216 
PHE CD1 HD1  sing N N 217 
PHE CD2 CE2  doub Y N 218 
PHE CD2 HD2  sing N N 219 
PHE CE1 CZ   doub Y N 220 
PHE CE1 HE1  sing N N 221 
PHE CE2 CZ   sing Y N 222 
PHE CE2 HE2  sing N N 223 
PHE CZ  HZ   sing N N 224 
PHE OXT HXT  sing N N 225 
PRO N   CA   sing N N 226 
PRO N   CD   sing N N 227 
PRO N   H    sing N N 228 
PRO CA  C    sing N N 229 
PRO CA  CB   sing N N 230 
PRO CA  HA   sing N N 231 
PRO C   O    doub N N 232 
PRO C   OXT  sing N N 233 
PRO CB  CG   sing N N 234 
PRO CB  HB2  sing N N 235 
PRO CB  HB3  sing N N 236 
PRO CG  CD   sing N N 237 
PRO CG  HG2  sing N N 238 
PRO CG  HG3  sing N N 239 
PRO CD  HD2  sing N N 240 
PRO CD  HD3  sing N N 241 
PRO OXT HXT  sing N N 242 
SER N   CA   sing N N 243 
SER N   H    sing N N 244 
SER N   H2   sing N N 245 
SER CA  C    sing N N 246 
SER CA  CB   sing N N 247 
SER CA  HA   sing N N 248 
SER C   O    doub N N 249 
SER C   OXT  sing N N 250 
SER CB  OG   sing N N 251 
SER CB  HB2  sing N N 252 
SER CB  HB3  sing N N 253 
SER OG  HG   sing N N 254 
SER OXT HXT  sing N N 255 
THR N   CA   sing N N 256 
THR N   H    sing N N 257 
THR N   H2   sing N N 258 
THR CA  C    sing N N 259 
THR CA  CB   sing N N 260 
THR CA  HA   sing N N 261 
THR C   O    doub N N 262 
THR C   OXT  sing N N 263 
THR CB  OG1  sing N N 264 
THR CB  CG2  sing N N 265 
THR CB  HB   sing N N 266 
THR OG1 HG1  sing N N 267 
THR CG2 HG21 sing N N 268 
THR CG2 HG22 sing N N 269 
THR CG2 HG23 sing N N 270 
THR OXT HXT  sing N N 271 
TRP N   CA   sing N N 272 
TRP N   H    sing N N 273 
TRP N   H2   sing N N 274 
TRP CA  C    sing N N 275 
TRP CA  CB   sing N N 276 
TRP CA  HA   sing N N 277 
TRP C   O    doub N N 278 
TRP C   OXT  sing N N 279 
TRP CB  CG   sing N N 280 
TRP CB  HB2  sing N N 281 
TRP CB  HB3  sing N N 282 
TRP CG  CD1  doub Y N 283 
TRP CG  CD2  sing Y N 284 
TRP CD1 NE1  sing Y N 285 
TRP CD1 HD1  sing N N 286 
TRP CD2 CE2  doub Y N 287 
TRP CD2 CE3  sing Y N 288 
TRP NE1 CE2  sing Y N 289 
TRP NE1 HE1  sing N N 290 
TRP CE2 CZ2  sing Y N 291 
TRP CE3 CZ3  doub Y N 292 
TRP CE3 HE3  sing N N 293 
TRP CZ2 CH2  doub Y N 294 
TRP CZ2 HZ2  sing N N 295 
TRP CZ3 CH2  sing Y N 296 
TRP CZ3 HZ3  sing N N 297 
TRP CH2 HH2  sing N N 298 
TRP OXT HXT  sing N N 299 
TYR N   CA   sing N N 300 
TYR N   H    sing N N 301 
TYR N   H2   sing N N 302 
TYR CA  C    sing N N 303 
TYR CA  CB   sing N N 304 
TYR CA  HA   sing N N 305 
TYR C   O    doub N N 306 
TYR C   OXT  sing N N 307 
TYR CB  CG   sing N N 308 
TYR CB  HB2  sing N N 309 
TYR CB  HB3  sing N N 310 
TYR CG  CD1  doub Y N 311 
TYR CG  CD2  sing Y N 312 
TYR CD1 CE1  sing Y N 313 
TYR CD1 HD1  sing N N 314 
TYR CD2 CE2  doub Y N 315 
TYR CD2 HD2  sing N N 316 
TYR CE1 CZ   doub Y N 317 
TYR CE1 HE1  sing N N 318 
TYR CE2 CZ   sing Y N 319 
TYR CE2 HE2  sing N N 320 
TYR CZ  OH   sing N N 321 
TYR OH  HH   sing N N 322 
TYR OXT HXT  sing N N 323 
VAL N   CA   sing N N 324 
VAL N   H    sing N N 325 
VAL N   H2   sing N N 326 
VAL CA  C    sing N N 327 
VAL CA  CB   sing N N 328 
VAL CA  HA   sing N N 329 
VAL C   O    doub N N 330 
VAL C   OXT  sing N N 331 
VAL CB  CG1  sing N N 332 
VAL CB  CG2  sing N N 333 
VAL CB  HB   sing N N 334 
VAL CG1 HG11 sing N N 335 
VAL CG1 HG12 sing N N 336 
VAL CG1 HG13 sing N N 337 
VAL CG2 HG21 sing N N 338 
VAL CG2 HG22 sing N N 339 
VAL CG2 HG23 sing N N 340 
VAL OXT HXT  sing N N 341 
# 
_pdbx_entity_nonpoly.entity_id   2 
_pdbx_entity_nonpoly.name        water 
_pdbx_entity_nonpoly.comp_id     HOH 
# 
_pdbx_initial_refinement_model.id               1 
_pdbx_initial_refinement_model.entity_id_list   ? 
_pdbx_initial_refinement_model.type             'experimental model' 
_pdbx_initial_refinement_model.source_name      PDB 
_pdbx_initial_refinement_model.accession_code   1IHR 
_pdbx_initial_refinement_model.details          ? 
# 
